data_2E1R
#
_entry.id   2E1R
#
_cell.length_a   116.860
_cell.length_b   158.770
_cell.length_c   60.310
_cell.angle_alpha   90.00
_cell.angle_beta   90.00
_cell.angle_gamma   90.00
#
_symmetry.space_group_name_H-M   'P 21 21 2'
#
loop_
_entity.id
_entity.type
_entity.pdbx_description
1 polymer 'Elongation factor 2'
2 non-polymer '(1S,4S,5S,6R,9S,11S)-6-CHLORO-9-FORMYL-13-ISOPROPYL-5-METHYL-2-({[(3AR,5R,7R ,7AS)-7-METHYL-3-METHYLENEHEXAHYDRO-2H-FURO[2,3-C]PYRAN-5-YL]OXY}METHYL)TETR ACYCLO[7.4.0.02,11.04,8]TRIDEC-12-ENE-1-CARBOXYLIC ACI'
3 non-polymer "GUANOSINE-5'-DIPHOSPHATE"
#
_entity_poly.entity_id   1
_entity_poly.type   'polypeptide(L)'
_entity_poly.pdbx_seq_one_letter_code
;MVAFTVDQMRSLMDKVTNVRNMSVIAHVDHGKSTLTDSLVQRAGIISAAKAGEARFTDTRKDEQERGITIKSTAISLYSE
MSDEDVKEIKQKTDGNSFLINLIDSPGHVDFSSEVTAALRVTDGALVVVDTIEGVCVQTETVLRQALGERIKPVVVINKV
DRALLELQVSKEDLYQTFARTVESVNVIVSTYADEVLGDVQVYPARGTVAFGSGLHGWAFTIRQFATRYAKKFGVDKAKM
MDRLWGDSFFNPKTKKWTNKDTDAEGKPLERAFNMFILDPIFRLFTAIMNFKKDEIPVLLEKLEIVLKGDEKDLEGKALL
KVVMRKFLPAADALLEMIVLHLPSPVTAQAYRAEQLYEGPADDANCIAIKNCDPKADLMLYVSKMVPTSDKGRFYAFGRV
FAGTVKSGQKVRIQGPNYVPGKKDDLFIKAIQRVVLMMGRFVEPIDDCPAGNIIGLVGIDQFLLKTGTLTTSETAHNMKV
MKFSVSPVVQVAVEVKNANDLPKLVEGLKRLSKSDPCVLTYMSESGEHIVAGTGELHLEICLQDLEHDHAGVPLKISPPV
VAYRETVESESSQTALSKSPNKHNRIYLKAEPIDEEVSLAIENGIINPRDDFKARARIMADDYGWDVTDARKIWCFGPDG
NGPNLVIDQTKAVQYLHEIKDSVVAAFQWATKEGPIFGEEMRSVRVNILDVTLHADAIHRGGGQIIPTMRRATYAGFLLA
DPKIQEPVFLVEIQCPEQAVGGIYSVLNKKRGQVVSEEQRPGTPLFTVKAYLPVNESFGFTGELRQATGGQAFPQMVFDH
WSTLGSDPLDPTSKAGEIVLAARKRHGMKEEVPGWQEYYDKL
;
_entity_poly.pdbx_strand_id   A
#
# COMPACT_ATOMS: atom_id res chain seq x y z
N MET A 1 19.24 5.59 30.95
CA MET A 1 19.60 7.01 31.24
C MET A 1 19.02 7.35 32.61
N VAL A 2 17.69 7.53 32.68
CA VAL A 2 17.02 7.81 33.95
C VAL A 2 16.07 6.64 34.21
N ALA A 3 16.02 6.16 35.44
CA ALA A 3 15.12 5.06 35.77
C ALA A 3 13.97 5.55 36.59
N PHE A 4 12.78 5.06 36.29
CA PHE A 4 11.57 5.42 37.03
C PHE A 4 10.79 4.14 37.39
N THR A 5 10.10 4.16 38.52
CA THR A 5 9.33 2.99 38.92
C THR A 5 8.07 3.04 38.08
N VAL A 6 7.23 2.02 38.19
CA VAL A 6 6.02 2.00 37.41
C VAL A 6 5.04 3.06 37.90
N ASP A 7 5.08 3.36 39.19
CA ASP A 7 4.17 4.38 39.75
C ASP A 7 4.57 5.75 39.22
N GLN A 8 5.87 6.01 39.24
CA GLN A 8 6.37 7.28 38.78
C GLN A 8 5.83 7.51 37.36
N MET A 9 5.89 6.47 36.54
CA MET A 9 5.40 6.57 35.18
C MET A 9 3.93 6.93 35.12
N ARG A 10 3.15 6.34 36.02
CA ARG A 10 1.70 6.59 36.03
C ARG A 10 1.42 8.01 36.48
N SER A 11 2.29 8.54 37.34
CA SER A 11 2.13 9.91 37.83
C SER A 11 2.34 10.88 36.66
N LEU A 12 3.39 10.62 35.88
CA LEU A 12 3.69 11.46 34.72
C LEU A 12 2.53 11.32 33.74
N MET A 13 2.01 10.11 33.64
CA MET A 13 0.91 9.83 32.72
C MET A 13 -0.38 10.48 33.14
N ASP A 14 -0.40 11.02 34.35
CA ASP A 14 -1.59 11.68 34.86
C ASP A 14 -1.73 13.12 34.43
N LYS A 15 -0.60 13.81 34.28
CA LYS A 15 -0.61 15.21 33.88
C LYS A 15 -0.43 15.27 32.36
N VAL A 16 -1.47 14.90 31.63
CA VAL A 16 -1.42 14.87 30.17
C VAL A 16 -1.18 16.22 29.50
N THR A 17 -1.21 17.29 30.27
CA THR A 17 -0.95 18.61 29.72
C THR A 17 0.57 18.77 29.63
N ASN A 18 1.28 17.83 30.24
CA ASN A 18 2.72 17.84 30.26
C ASN A 18 3.27 16.61 29.51
N VAL A 19 2.51 16.17 28.52
CA VAL A 19 2.90 15.03 27.70
C VAL A 19 3.04 15.57 26.29
N ARG A 20 3.85 14.89 25.48
CA ARG A 20 4.07 15.31 24.10
C ARG A 20 4.12 14.09 23.17
N ASN A 21 3.04 13.85 22.44
CA ASN A 21 3.02 12.72 21.50
C ASN A 21 3.57 13.15 20.12
N MET A 22 4.82 12.80 19.85
CA MET A 22 5.44 13.17 18.59
C MET A 22 6.32 12.10 17.93
N SER A 23 6.99 12.50 16.85
CA SER A 23 7.87 11.61 16.11
C SER A 23 8.88 12.49 15.39
N VAL A 24 9.76 11.86 14.62
CA VAL A 24 10.77 12.58 13.86
C VAL A 24 10.57 12.22 12.39
N ILE A 25 10.29 13.22 11.58
CA ILE A 25 10.08 13.03 10.17
C ILE A 25 11.35 13.42 9.44
N ALA A 26 11.84 12.56 8.57
CA ALA A 26 13.06 12.89 7.85
C ALA A 26 13.35 12.13 6.53
N HIS A 27 14.28 12.71 5.76
CA HIS A 27 14.73 12.17 4.48
C HIS A 27 15.55 10.93 4.76
N VAL A 28 15.87 10.19 3.70
CA VAL A 28 16.60 8.94 3.84
C VAL A 28 17.94 8.99 4.58
N ASP A 29 18.73 10.02 4.38
CA ASP A 29 20.01 10.08 5.06
C ASP A 29 20.19 11.48 5.62
N HIS A 30 19.47 11.81 6.69
CA HIS A 30 19.62 13.15 7.22
C HIS A 30 19.92 13.23 8.71
N GLY A 31 20.29 12.08 9.29
CA GLY A 31 20.64 12.04 10.70
C GLY A 31 19.50 11.78 11.66
N LYS A 32 18.40 11.27 11.12
CA LYS A 32 17.23 10.99 11.93
C LYS A 32 17.52 10.09 13.12
N SER A 33 18.46 9.17 12.96
CA SER A 33 18.78 8.26 14.04
C SER A 33 19.87 8.80 14.96
N THR A 34 20.92 9.38 14.39
CA THR A 34 21.96 9.93 15.25
C THR A 34 21.31 11.00 16.12
N LEU A 35 20.31 11.68 15.58
CA LEU A 35 19.61 12.74 16.31
C LEU A 35 18.66 12.25 17.40
N THR A 36 17.80 11.28 17.11
CA THR A 36 16.89 10.78 18.12
C THR A 36 17.74 10.06 19.14
N ASP A 37 18.80 9.42 18.67
CA ASP A 37 19.70 8.73 19.57
C ASP A 37 20.25 9.72 20.59
N SER A 38 20.64 10.90 20.09
CA SER A 38 21.17 11.95 20.94
C SER A 38 20.18 12.24 22.09
N LEU A 39 18.91 12.42 21.74
CA LEU A 39 17.89 12.68 22.74
C LEU A 39 17.83 11.54 23.73
N VAL A 40 17.65 10.33 23.21
CA VAL A 40 17.53 9.15 24.03
C VAL A 40 18.60 9.08 25.11
N GLN A 41 19.86 9.37 24.79
CA GLN A 41 20.90 9.28 25.80
C GLN A 41 20.76 10.35 26.84
N ARG A 42 20.14 11.45 26.45
CA ARG A 42 19.96 12.53 27.40
C ARG A 42 18.75 12.33 28.29
N ALA A 43 17.59 12.09 27.67
CA ALA A 43 16.33 11.95 28.39
C ALA A 43 15.60 10.59 28.36
N GLY A 44 16.19 9.58 27.75
CA GLY A 44 15.54 8.28 27.69
C GLY A 44 15.19 7.71 29.05
N ILE A 45 13.94 7.24 29.20
CA ILE A 45 13.47 6.64 30.45
C ILE A 45 13.75 5.16 30.39
N ILE A 46 13.89 4.53 31.53
CA ILE A 46 14.20 3.11 31.58
C ILE A 46 13.42 2.47 32.73
N SER A 47 13.24 1.14 32.70
CA SER A 47 12.52 0.44 33.75
C SER A 47 13.29 0.49 35.06
N ALA A 48 12.64 0.89 36.14
CA ALA A 48 13.29 1.00 37.44
C ALA A 48 13.86 -0.31 37.96
N ALA A 49 12.97 -1.24 38.29
CA ALA A 49 13.36 -2.54 38.82
C ALA A 49 14.06 -3.39 37.75
N LYS A 50 15.24 -3.88 38.11
CA LYS A 50 16.05 -4.71 37.22
C LYS A 50 17.06 -5.50 38.03
N GLU A 65 16.78 -21.12 30.57
CA GLU A 65 16.46 -20.29 29.41
C GLU A 65 15.07 -19.67 29.57
N ARG A 66 14.98 -18.34 29.51
CA ARG A 66 13.68 -17.66 29.68
C ARG A 66 13.73 -16.11 29.62
N GLY A 67 12.88 -15.48 28.79
CA GLY A 67 12.83 -14.02 28.67
C GLY A 67 11.85 -13.47 27.62
N ILE A 68 11.58 -12.15 27.59
CA ILE A 68 10.65 -11.53 26.60
C ILE A 68 11.13 -10.21 25.93
N THR A 69 10.72 -10.00 24.68
CA THR A 69 11.16 -8.84 23.90
C THR A 69 10.15 -8.44 22.84
N ILE A 70 10.08 -7.16 22.52
CA ILE A 70 9.18 -6.71 21.46
C ILE A 70 9.99 -5.80 20.53
N LYS A 71 9.52 -5.68 19.29
CA LYS A 71 10.18 -4.86 18.29
C LYS A 71 9.93 -3.40 18.61
N SER A 72 11.00 -2.64 18.81
CA SER A 72 10.86 -1.23 19.16
C SER A 72 9.88 -0.48 18.25
N THR A 73 8.94 0.23 18.89
CA THR A 73 7.88 0.98 18.19
C THR A 73 7.70 2.39 18.78
N ALA A 74 8.22 2.59 19.99
CA ALA A 74 8.12 3.86 20.69
C ALA A 74 9.12 3.90 21.85
N ILE A 75 9.48 5.11 22.26
CA ILE A 75 10.44 5.35 23.32
C ILE A 75 9.89 6.49 24.17
N SER A 76 10.31 6.58 25.43
CA SER A 76 9.84 7.65 26.29
C SER A 76 11.00 8.51 26.80
N LEU A 77 10.84 9.83 26.70
CA LEU A 77 11.85 10.77 27.16
C LEU A 77 11.25 11.61 28.27
N TYR A 78 12.07 12.00 29.23
CA TYR A 78 11.59 12.81 30.35
C TYR A 78 12.42 14.09 30.43
N SER A 79 11.78 15.21 30.73
CA SER A 79 12.50 16.48 30.82
C SER A 79 11.90 17.49 31.78
N GLU A 80 12.77 18.18 32.51
CA GLU A 80 12.36 19.20 33.47
C GLU A 80 12.78 20.54 32.88
N MET A 81 11.94 21.56 33.04
CA MET A 81 12.23 22.88 32.52
C MET A 81 12.58 23.84 33.66
N SER A 82 12.77 25.11 33.33
CA SER A 82 13.08 26.13 34.33
C SER A 82 11.82 26.91 34.61
N ASP A 83 11.62 27.32 35.86
CA ASP A 83 10.43 28.08 36.21
C ASP A 83 10.07 29.09 35.15
N GLU A 84 11.07 29.69 34.51
CA GLU A 84 10.79 30.69 33.50
C GLU A 84 10.40 30.09 32.16
N ASP A 85 11.12 29.06 31.72
CA ASP A 85 10.79 28.44 30.45
C ASP A 85 9.37 27.87 30.42
N VAL A 86 8.82 27.56 31.59
CA VAL A 86 7.46 27.00 31.70
C VAL A 86 6.40 28.08 31.56
N LYS A 87 6.84 29.34 31.63
CA LYS A 87 5.93 30.47 31.53
C LYS A 87 5.79 30.92 30.09
N GLU A 88 6.72 30.50 29.25
CA GLU A 88 6.67 30.87 27.84
C GLU A 88 5.82 29.85 27.10
N ILE A 89 5.36 28.83 27.82
CA ILE A 89 4.52 27.80 27.22
C ILE A 89 3.11 28.34 27.01
N LYS A 90 2.85 28.87 25.83
CA LYS A 90 1.53 29.40 25.52
C LYS A 90 0.63 28.17 25.39
N GLN A 91 0.30 27.53 26.51
CA GLN A 91 -0.51 26.32 26.50
C GLN A 91 -0.72 25.73 27.91
N LYS A 92 -1.98 25.38 28.22
CA LYS A 92 -2.34 24.82 29.52
C LYS A 92 -1.29 23.84 30.04
N THR A 93 -0.57 24.23 31.09
CA THR A 93 0.50 23.42 31.69
C THR A 93 0.22 23.01 33.15
N ASP A 94 1.14 22.30 33.80
CA ASP A 94 0.93 21.85 35.19
C ASP A 94 2.22 21.33 35.83
N GLY A 95 3.16 22.21 36.14
CA GLY A 95 4.36 21.69 36.77
C GLY A 95 5.61 21.79 35.93
N ASN A 96 6.76 21.61 36.58
CA ASN A 96 8.04 21.70 35.92
C ASN A 96 8.41 20.48 35.05
N SER A 97 7.62 19.40 35.12
CA SER A 97 7.95 18.18 34.35
C SER A 97 7.24 17.88 33.03
N PHE A 98 7.85 16.98 32.25
CA PHE A 98 7.30 16.60 30.96
C PHE A 98 7.66 15.18 30.54
N LEU A 99 6.76 14.55 29.79
CA LEU A 99 6.93 13.18 29.30
C LEU A 99 6.79 13.20 27.78
N ILE A 100 7.89 13.08 27.07
CA ILE A 100 7.87 13.11 25.62
C ILE A 100 7.74 11.68 25.12
N ASN A 101 6.99 11.49 24.03
CA ASN A 101 6.81 10.18 23.44
C ASN A 101 7.39 10.17 22.05
N LEU A 102 8.50 9.47 21.89
CA LEU A 102 9.15 9.42 20.61
C LEU A 102 8.71 8.18 19.89
N ILE A 103 7.64 8.32 19.11
CA ILE A 103 7.07 7.25 18.32
C ILE A 103 7.86 7.04 17.04
N ASP A 104 8.25 5.79 16.79
CA ASP A 104 8.99 5.49 15.57
C ASP A 104 8.07 5.59 14.37
N SER A 105 8.63 5.88 13.22
CA SER A 105 7.89 6.00 11.99
C SER A 105 8.71 5.39 10.88
N PRO A 106 8.04 4.78 9.89
CA PRO A 106 8.73 4.15 8.76
C PRO A 106 9.44 5.10 7.80
N GLY A 107 10.76 5.06 7.83
CA GLY A 107 11.57 5.90 6.95
C GLY A 107 11.32 5.49 5.50
N HIS A 108 11.81 4.32 5.11
CA HIS A 108 11.54 3.85 3.75
C HIS A 108 10.52 2.75 3.71
N VAL A 109 9.31 3.14 3.43
CA VAL A 109 8.21 2.19 3.30
C VAL A 109 7.31 2.95 2.34
N ASP A 110 6.45 2.25 1.62
CA ASP A 110 5.60 2.95 0.69
C ASP A 110 4.59 3.94 1.33
N PHE A 111 4.49 5.13 0.68
CA PHE A 111 3.58 6.25 1.01
C PHE A 111 2.60 6.23 2.16
N SER A 112 1.43 5.74 1.80
CA SER A 112 0.32 5.80 2.70
C SER A 112 -0.35 4.60 3.29
N SER A 113 0.24 4.06 4.35
CA SER A 113 -0.38 2.93 5.03
C SER A 113 0.40 2.78 6.29
N GLU A 114 1.64 2.36 6.14
CA GLU A 114 2.50 2.18 7.29
C GLU A 114 2.65 3.55 7.95
N VAL A 115 2.96 4.56 7.14
CA VAL A 115 3.14 5.92 7.63
C VAL A 115 1.85 6.50 8.20
N THR A 116 0.89 6.82 7.36
CA THR A 116 -0.36 7.40 7.83
C THR A 116 -0.84 6.94 9.20
N ALA A 117 -0.86 5.63 9.42
CA ALA A 117 -1.31 5.06 10.69
C ALA A 117 -0.49 5.54 11.88
N ALA A 118 0.84 5.50 11.74
CA ALA A 118 1.78 5.91 12.80
C ALA A 118 1.57 7.34 13.25
N LEU A 119 1.58 8.26 12.29
CA LEU A 119 1.39 9.67 12.59
C LEU A 119 0.13 9.88 13.38
N ARG A 120 -0.95 9.26 12.93
CA ARG A 120 -2.24 9.39 13.58
C ARG A 120 -2.26 9.35 15.13
N VAL A 121 -1.17 8.90 15.75
CA VAL A 121 -1.14 8.88 17.21
C VAL A 121 -0.14 9.92 17.72
N THR A 122 0.24 10.82 16.82
CA THR A 122 1.17 11.89 17.14
C THR A 122 0.47 13.23 16.89
N ASP A 123 0.88 14.27 17.60
CA ASP A 123 0.28 15.60 17.44
C ASP A 123 1.30 16.57 16.86
N GLY A 124 2.57 16.28 17.11
CA GLY A 124 3.61 17.13 16.62
C GLY A 124 4.69 16.33 15.96
N ALA A 125 5.52 17.00 15.18
CA ALA A 125 6.60 16.37 14.45
C ALA A 125 7.85 17.21 14.51
N LEU A 126 8.98 16.56 14.30
CA LEU A 126 10.26 17.24 14.31
C LEU A 126 10.85 16.92 12.96
N VAL A 127 10.58 17.77 11.98
CA VAL A 127 11.10 17.56 10.63
C VAL A 127 12.59 17.91 10.53
N VAL A 128 13.40 16.95 10.07
CA VAL A 128 14.84 17.15 9.92
C VAL A 128 15.21 17.49 8.49
N VAL A 129 15.87 18.62 8.29
CA VAL A 129 16.29 19.06 6.96
C VAL A 129 17.80 19.19 6.87
N ASP A 130 18.34 19.01 5.67
CA ASP A 130 19.78 19.11 5.50
C ASP A 130 20.31 20.49 5.10
N THR A 131 21.36 20.93 5.80
CA THR A 131 22.01 22.22 5.59
C THR A 131 22.46 22.48 4.16
N ILE A 132 22.87 21.43 3.44
CA ILE A 132 23.31 21.60 2.07
C ILE A 132 22.21 21.23 1.07
N GLU A 133 21.77 19.98 1.11
CA GLU A 133 20.74 19.50 0.21
C GLU A 133 19.36 20.13 0.43
N GLY A 134 19.18 20.84 1.53
CA GLY A 134 17.89 21.45 1.79
C GLY A 134 16.77 20.42 1.88
N VAL A 135 15.56 20.83 1.54
CA VAL A 135 14.39 19.95 1.61
C VAL A 135 14.19 19.14 0.34
N CYS A 136 14.27 17.82 0.48
CA CYS A 136 14.08 16.94 -0.67
C CYS A 136 12.67 16.33 -0.73
N VAL A 137 12.38 15.70 -1.86
CA VAL A 137 11.11 15.05 -2.12
C VAL A 137 10.50 14.34 -0.90
N GLN A 138 11.10 13.22 -0.50
CA GLN A 138 10.59 12.45 0.62
C GLN A 138 10.23 13.36 1.79
N THR A 139 11.15 14.25 2.14
CA THR A 139 10.96 15.19 3.24
C THR A 139 9.63 15.92 3.09
N GLU A 140 9.45 16.48 1.90
CA GLU A 140 8.25 17.24 1.55
C GLU A 140 7.02 16.34 1.52
N THR A 141 7.24 15.07 1.20
CA THR A 141 6.17 14.10 1.12
C THR A 141 5.61 13.71 2.48
N VAL A 142 6.49 13.36 3.41
CA VAL A 142 6.03 12.97 4.76
C VAL A 142 5.44 14.15 5.50
N LEU A 143 6.04 15.33 5.29
CA LEU A 143 5.57 16.54 5.93
C LEU A 143 4.16 16.84 5.47
N ARG A 144 3.92 16.66 4.18
CA ARG A 144 2.60 16.92 3.64
C ARG A 144 1.67 15.93 4.32
N GLN A 145 2.16 14.70 4.47
CA GLN A 145 1.40 13.66 5.12
C GLN A 145 1.00 14.08 6.52
N ALA A 146 2.01 14.41 7.32
CA ALA A 146 1.79 14.84 8.69
C ALA A 146 0.78 15.98 8.76
N LEU A 147 0.95 16.96 7.88
CA LEU A 147 0.04 18.09 7.86
C LEU A 147 -1.39 17.60 7.70
N GLY A 148 -1.59 16.64 6.80
CA GLY A 148 -2.90 16.09 6.54
C GLY A 148 -3.64 15.71 7.78
N GLU A 149 -2.91 15.25 8.78
CA GLU A 149 -3.49 14.84 10.04
C GLU A 149 -3.35 15.97 11.07
N ARG A 150 -3.03 17.15 10.58
CA ARG A 150 -2.90 18.33 11.43
C ARG A 150 -1.83 18.20 12.52
N ILE A 151 -0.65 17.76 12.12
CA ILE A 151 0.46 17.61 13.04
C ILE A 151 1.31 18.88 12.89
N LYS A 152 1.57 19.56 14.00
CA LYS A 152 2.35 20.79 13.94
C LYS A 152 3.83 20.50 13.76
N PRO A 153 4.45 21.15 12.77
CA PRO A 153 5.88 20.94 12.50
C PRO A 153 6.82 21.92 13.23
N VAL A 154 8.02 21.43 13.53
CA VAL A 154 9.07 22.19 14.20
C VAL A 154 10.32 21.71 13.46
N VAL A 155 11.18 22.64 13.06
CA VAL A 155 12.35 22.27 12.28
C VAL A 155 13.75 22.26 12.90
N VAL A 156 14.60 21.41 12.32
CA VAL A 156 16.00 21.24 12.74
C VAL A 156 16.88 21.05 11.52
N ILE A 157 17.59 22.09 11.08
CA ILE A 157 18.50 21.97 9.95
C ILE A 157 19.73 21.24 10.51
N ASN A 158 20.06 20.08 9.95
CA ASN A 158 21.17 19.26 10.44
C ASN A 158 22.46 19.33 9.61
N LYS A 159 23.53 18.70 10.11
CA LYS A 159 24.81 18.66 9.41
C LYS A 159 25.36 20.04 9.05
N VAL A 160 25.32 20.96 9.99
CA VAL A 160 25.83 22.29 9.76
C VAL A 160 27.35 22.19 9.75
N ASP A 161 27.86 21.02 10.11
CA ASP A 161 29.30 20.83 10.13
C ASP A 161 29.89 20.62 8.75
N ARG A 162 29.12 20.02 7.85
CA ARG A 162 29.63 19.79 6.51
C ARG A 162 29.98 21.14 5.87
N ALA A 163 29.05 22.07 5.91
CA ALA A 163 29.26 23.39 5.34
C ALA A 163 30.43 24.12 5.98
N LEU A 164 30.65 23.91 7.26
CA LEU A 164 31.74 24.60 7.93
C LEU A 164 33.11 24.03 7.57
N LEU A 165 33.20 22.73 7.43
CA LEU A 165 34.50 22.16 7.09
C LEU A 165 34.67 22.01 5.58
N GLU A 166 34.10 20.95 5.03
CA GLU A 166 34.22 20.69 3.59
C GLU A 166 34.01 21.89 2.65
N LEU A 167 32.90 22.63 2.80
CA LEU A 167 32.65 23.77 1.93
C LEU A 167 33.39 25.06 2.30
N GLN A 168 33.78 25.22 3.55
CA GLN A 168 34.50 26.42 3.98
C GLN A 168 33.66 27.68 3.85
N VAL A 169 32.37 27.49 3.60
CA VAL A 169 31.37 28.57 3.44
C VAL A 169 31.61 29.81 4.32
N SER A 170 31.08 30.95 3.88
CA SER A 170 31.21 32.20 4.62
C SER A 170 30.29 32.15 5.83
N LYS A 171 29.64 33.27 6.13
CA LYS A 171 28.70 33.32 7.23
C LYS A 171 27.41 33.77 6.58
N GLU A 172 27.49 34.75 5.69
CA GLU A 172 26.29 35.22 5.03
C GLU A 172 25.87 34.21 3.99
N ASP A 173 26.82 33.38 3.55
CA ASP A 173 26.51 32.34 2.57
C ASP A 173 25.62 31.32 3.26
N LEU A 174 26.13 30.79 4.38
CA LEU A 174 25.41 29.81 5.19
C LEU A 174 24.03 30.36 5.56
N TYR A 175 24.00 31.53 6.21
CA TYR A 175 22.73 32.14 6.59
C TYR A 175 21.75 32.01 5.46
N GLN A 176 22.12 32.54 4.30
CA GLN A 176 21.23 32.50 3.15
C GLN A 176 20.71 31.09 2.87
N THR A 177 21.51 30.08 3.15
CA THR A 177 21.05 28.72 2.93
C THR A 177 19.89 28.52 3.89
N PHE A 178 20.21 28.55 5.18
CA PHE A 178 19.20 28.37 6.24
C PHE A 178 17.95 29.12 5.78
N ALA A 179 18.17 30.37 5.38
CA ALA A 179 17.11 31.25 4.90
C ALA A 179 16.18 30.58 3.91
N ARG A 180 16.76 29.97 2.88
CA ARG A 180 15.98 29.31 1.85
C ARG A 180 15.25 28.13 2.44
N THR A 181 16.01 27.11 2.82
CA THR A 181 15.47 25.90 3.41
C THR A 181 14.22 26.19 4.25
N VAL A 182 14.27 27.28 5.00
CA VAL A 182 13.17 27.70 5.84
C VAL A 182 11.97 28.08 4.99
N GLU A 183 12.23 28.84 3.92
CA GLU A 183 11.18 29.30 3.01
C GLU A 183 10.44 28.21 2.26
N SER A 184 11.17 27.21 1.77
CA SER A 184 10.55 26.12 1.04
C SER A 184 9.62 25.41 2.01
N VAL A 185 10.15 25.03 3.18
CA VAL A 185 9.34 24.34 4.16
C VAL A 185 8.08 25.13 4.43
N ASN A 186 8.19 26.45 4.47
CA ASN A 186 7.02 27.27 4.73
C ASN A 186 6.09 27.34 3.53
N VAL A 187 6.53 26.79 2.41
CA VAL A 187 5.69 26.75 1.22
C VAL A 187 4.76 25.57 1.47
N ILE A 188 5.37 24.42 1.70
CA ILE A 188 4.65 23.17 1.96
C ILE A 188 3.68 23.38 3.11
N VAL A 189 4.14 24.08 4.15
CA VAL A 189 3.31 24.34 5.32
C VAL A 189 2.00 25.00 4.90
N SER A 190 2.09 26.26 4.51
CA SER A 190 0.93 27.04 4.10
C SER A 190 0.04 26.34 3.07
N THR A 191 0.66 25.64 2.13
CA THR A 191 -0.04 24.92 1.07
C THR A 191 -0.96 23.78 1.53
N TYR A 192 -0.55 23.05 2.55
CA TYR A 192 -1.37 21.93 2.99
C TYR A 192 -1.90 22.06 4.41
N ALA A 193 -1.81 23.24 4.99
CA ALA A 193 -2.29 23.44 6.35
C ALA A 193 -3.76 23.85 6.41
N ASP A 194 -4.50 23.23 7.32
CA ASP A 194 -5.92 23.53 7.49
C ASP A 194 -6.12 24.98 7.84
N GLU A 195 -6.85 25.70 6.99
CA GLU A 195 -7.12 27.10 7.22
C GLU A 195 -7.52 27.34 8.69
N VAL A 196 -8.38 26.47 9.20
CA VAL A 196 -8.91 26.59 10.57
C VAL A 196 -7.87 26.43 11.67
N LEU A 197 -6.68 25.93 11.34
CA LEU A 197 -5.65 25.75 12.36
C LEU A 197 -4.79 26.99 12.60
N GLY A 198 -4.79 27.91 11.64
CA GLY A 198 -4.01 29.12 11.79
C GLY A 198 -2.64 28.97 11.18
N ASP A 199 -1.83 30.02 11.31
CA ASP A 199 -0.48 30.03 10.77
C ASP A 199 0.43 29.14 11.60
N VAL A 200 0.78 27.99 11.04
CA VAL A 200 1.64 27.03 11.72
C VAL A 200 3.05 27.17 11.17
N GLN A 201 3.23 28.18 10.32
CA GLN A 201 4.53 28.43 9.72
C GLN A 201 5.63 28.54 10.77
N VAL A 202 6.78 27.95 10.46
CA VAL A 202 7.90 27.97 11.37
C VAL A 202 8.65 29.29 11.27
N TYR A 203 9.03 29.86 12.42
CA TYR A 203 9.76 31.13 12.43
C TYR A 203 11.02 31.05 13.28
N PRO A 204 12.19 31.08 12.65
CA PRO A 204 13.45 31.00 13.42
C PRO A 204 13.50 31.98 14.56
N ALA A 205 12.94 33.17 14.33
CA ALA A 205 12.92 34.23 15.35
C ALA A 205 11.96 33.92 16.51
N ARG A 206 11.03 33.01 16.27
CA ARG A 206 10.08 32.64 17.31
C ARG A 206 10.57 31.40 18.03
N GLY A 207 11.77 30.95 17.67
CA GLY A 207 12.36 29.79 18.30
C GLY A 207 11.79 28.44 17.94
N THR A 208 11.23 28.30 16.75
CA THR A 208 10.66 27.04 16.34
C THR A 208 11.54 26.31 15.33
N VAL A 209 12.68 26.88 15.02
CA VAL A 209 13.63 26.25 14.09
C VAL A 209 14.98 26.08 14.77
N ALA A 210 15.53 24.88 14.83
CA ALA A 210 16.83 24.72 15.46
C ALA A 210 17.92 24.39 14.45
N PHE A 211 19.14 24.81 14.73
CA PHE A 211 20.27 24.57 13.84
C PHE A 211 21.32 23.78 14.60
N GLY A 212 22.05 22.90 13.92
CA GLY A 212 23.08 22.13 14.58
C GLY A 212 23.56 20.90 13.85
N SER A 213 24.46 20.16 14.48
CA SER A 213 25.01 18.92 13.94
C SER A 213 24.73 17.75 14.85
N GLY A 214 23.92 16.81 14.35
CA GLY A 214 23.58 15.63 15.13
C GLY A 214 24.76 14.72 15.38
N LEU A 215 25.69 14.65 14.43
CA LEU A 215 26.87 13.80 14.60
C LEU A 215 27.81 14.41 15.61
N HIS A 216 28.01 15.72 15.53
CA HIS A 216 28.89 16.43 16.45
C HIS A 216 28.28 16.62 17.84
N GLY A 217 26.97 16.58 17.91
CA GLY A 217 26.31 16.70 19.20
C GLY A 217 25.88 18.07 19.61
N TRP A 218 25.98 19.05 18.72
CA TRP A 218 25.58 20.39 19.12
C TRP A 218 24.48 20.95 18.25
N ALA A 219 23.68 21.84 18.83
CA ALA A 219 22.58 22.48 18.11
C ALA A 219 22.20 23.71 18.91
N PHE A 220 21.32 24.56 18.37
CA PHE A 220 20.89 25.75 19.10
C PHE A 220 19.67 26.43 18.49
N THR A 221 18.85 27.04 19.32
CA THR A 221 17.68 27.76 18.83
C THR A 221 18.01 29.22 19.05
N ILE A 222 17.35 30.11 18.33
CA ILE A 222 17.65 31.52 18.47
C ILE A 222 17.41 31.93 19.92
N ARG A 223 16.29 31.48 20.48
CA ARG A 223 15.95 31.82 21.86
C ARG A 223 17.08 31.54 22.85
N GLN A 224 17.83 30.47 22.62
CA GLN A 224 18.92 30.12 23.53
C GLN A 224 19.98 31.20 23.54
N PHE A 225 20.21 31.81 22.38
CA PHE A 225 21.20 32.88 22.29
C PHE A 225 20.59 34.20 22.74
N ALA A 226 19.31 34.37 22.46
CA ALA A 226 18.60 35.59 22.82
C ALA A 226 18.51 35.76 24.33
N THR A 227 18.75 34.68 25.05
CA THR A 227 18.69 34.73 26.49
C THR A 227 20.09 34.88 27.04
N ARG A 228 21.04 34.25 26.38
CA ARG A 228 22.41 34.33 26.83
C ARG A 228 22.67 35.83 26.93
N TYR A 229 22.51 36.51 25.78
CA TYR A 229 22.73 37.93 25.64
C TYR A 229 21.72 38.78 26.38
N ALA A 230 20.58 38.21 26.72
CA ALA A 230 19.55 38.96 27.43
C ALA A 230 19.93 39.26 28.88
N LYS A 231 20.43 38.27 29.62
CA LYS A 231 20.81 38.47 31.01
C LYS A 231 22.06 39.34 31.19
N LYS A 232 23.13 38.96 30.51
CA LYS A 232 24.38 39.71 30.57
C LYS A 232 24.15 41.20 30.39
N PHE A 233 23.89 41.63 29.17
CA PHE A 233 23.71 43.03 28.88
C PHE A 233 22.37 43.67 29.30
N GLY A 234 21.54 42.92 30.00
CA GLY A 234 20.26 43.44 30.49
C GLY A 234 19.14 43.94 29.58
N VAL A 235 18.74 43.14 28.59
CA VAL A 235 17.65 43.51 27.68
C VAL A 235 16.60 42.39 27.77
N ASP A 236 15.35 42.62 27.35
CA ASP A 236 14.43 41.48 27.40
C ASP A 236 14.62 40.75 26.09
N LYS A 237 14.59 39.42 26.14
CA LYS A 237 14.81 38.61 24.95
C LYS A 237 13.71 38.74 23.90
N ALA A 238 12.51 39.08 24.33
CA ALA A 238 11.41 39.23 23.40
C ALA A 238 11.99 39.86 22.15
N LYS A 239 12.47 41.10 22.30
CA LYS A 239 13.03 41.88 21.19
C LYS A 239 14.39 41.37 20.68
N MET A 240 15.25 40.88 21.57
CA MET A 240 16.56 40.38 21.16
C MET A 240 16.40 39.23 20.17
N MET A 241 15.29 38.51 20.27
CA MET A 241 15.06 37.40 19.36
C MET A 241 14.78 37.95 17.98
N ASP A 242 13.73 38.78 17.87
CA ASP A 242 13.36 39.36 16.57
C ASP A 242 14.56 39.90 15.79
N ARG A 243 15.53 40.46 16.51
CA ARG A 243 16.72 41.02 15.89
C ARG A 243 17.72 40.00 15.40
N LEU A 244 17.93 38.95 16.20
CA LEU A 244 18.92 37.92 15.89
C LEU A 244 18.66 37.01 14.69
N TRP A 245 17.80 37.47 13.80
CA TRP A 245 17.46 36.72 12.58
C TRP A 245 16.76 37.69 11.66
N GLY A 246 17.15 37.65 10.38
CA GLY A 246 16.54 38.53 9.42
C GLY A 246 17.28 39.85 9.25
N ASP A 247 16.56 40.84 8.74
CA ASP A 247 17.14 42.16 8.48
C ASP A 247 17.11 43.17 9.63
N SER A 248 18.04 42.98 10.57
CA SER A 248 18.22 43.85 11.72
C SER A 248 19.72 43.85 11.89
N PHE A 249 20.34 45.02 11.73
CA PHE A 249 21.78 45.12 11.84
C PHE A 249 22.16 45.99 13.01
N PHE A 250 23.31 45.71 13.62
CA PHE A 250 23.78 46.53 14.73
C PHE A 250 25.14 47.13 14.36
N ASN A 251 25.16 48.43 14.11
CA ASN A 251 26.38 49.12 13.74
C ASN A 251 27.23 49.38 14.98
N PRO A 252 28.41 48.75 15.04
CA PRO A 252 29.29 48.95 16.20
C PRO A 252 29.44 50.43 16.53
N LYS A 253 29.78 51.20 15.48
CA LYS A 253 30.01 52.65 15.55
C LYS A 253 28.81 53.45 16.08
N THR A 254 27.69 53.33 15.39
CA THR A 254 26.49 54.03 15.79
C THR A 254 25.96 53.46 17.11
N LYS A 255 26.40 52.24 17.44
CA LYS A 255 25.98 51.56 18.67
C LYS A 255 24.45 51.54 18.73
N LYS A 256 23.81 51.35 17.57
CA LYS A 256 22.35 51.30 17.48
C LYS A 256 21.94 50.38 16.35
N TRP A 257 20.69 49.94 16.36
CA TRP A 257 20.20 49.04 15.32
C TRP A 257 19.47 49.77 14.20
N THR A 258 19.38 49.12 13.05
CA THR A 258 18.74 49.70 11.88
C THR A 258 17.87 48.71 11.11
N ASN A 259 16.89 49.23 10.38
CA ASN A 259 15.99 48.40 9.59
C ASN A 259 16.32 48.50 8.10
N LYS A 260 17.61 48.71 7.80
CA LYS A 260 18.10 48.82 6.42
C LYS A 260 19.56 48.43 6.38
N ASP A 261 19.92 47.59 5.42
CA ASP A 261 21.28 47.09 5.26
C ASP A 261 22.34 48.03 4.67
N THR A 262 22.46 49.22 5.22
CA THR A 262 23.45 50.21 4.76
C THR A 262 23.57 51.41 5.71
N ASP A 263 24.78 51.64 6.22
CA ASP A 263 25.00 52.77 7.12
C ASP A 263 24.93 54.02 6.26
N ALA A 264 24.24 55.06 6.75
CA ALA A 264 24.07 56.32 6.04
C ALA A 264 25.05 56.57 4.90
N GLU A 265 26.34 56.38 5.17
CA GLU A 265 27.38 56.59 4.16
C GLU A 265 27.23 55.68 2.93
N GLY A 266 26.25 54.78 2.95
CA GLY A 266 26.03 53.89 1.82
C GLY A 266 26.75 52.56 1.89
N LYS A 267 27.42 52.31 3.02
CA LYS A 267 28.18 51.07 3.24
C LYS A 267 27.32 49.94 3.85
N PRO A 268 27.60 48.66 3.48
CA PRO A 268 26.93 47.43 3.94
C PRO A 268 27.34 46.98 5.34
N LEU A 269 26.38 46.71 6.21
CA LEU A 269 26.66 46.28 7.58
C LEU A 269 26.55 44.75 7.74
N GLU A 270 26.90 44.21 8.91
CA GLU A 270 26.78 42.77 9.16
C GLU A 270 25.55 42.45 10.00
N ARG A 271 24.72 41.55 9.48
CA ARG A 271 23.48 41.13 10.13
C ARG A 271 23.73 40.64 11.57
N ALA A 272 22.70 40.69 12.42
CA ALA A 272 22.84 40.25 13.81
C ALA A 272 23.09 38.74 13.92
N PHE A 273 22.25 37.96 13.25
CA PHE A 273 22.36 36.51 13.26
C PHE A 273 23.81 36.13 13.00
N ASN A 274 24.45 36.85 12.09
CA ASN A 274 25.84 36.56 11.71
C ASN A 274 26.83 37.12 12.73
N MET A 275 26.51 38.29 13.28
CA MET A 275 27.40 38.94 14.22
C MET A 275 27.38 38.35 15.63
N PHE A 276 26.22 37.90 16.06
CA PHE A 276 26.09 37.36 17.42
C PHE A 276 25.90 35.85 17.56
N ILE A 277 25.48 35.17 16.51
CA ILE A 277 25.32 33.73 16.59
C ILE A 277 26.53 33.07 15.90
N LEU A 278 26.56 33.15 14.57
CA LEU A 278 27.59 32.55 13.75
C LEU A 278 29.03 32.88 14.08
N ASP A 279 29.28 34.13 14.45
CA ASP A 279 30.64 34.55 14.73
C ASP A 279 31.28 33.68 15.82
N PRO A 280 30.69 33.65 17.02
CA PRO A 280 31.22 32.85 18.12
C PRO A 280 31.62 31.46 17.66
N ILE A 281 30.73 30.84 16.89
CA ILE A 281 30.96 29.50 16.40
C ILE A 281 32.13 29.40 15.46
N PHE A 282 32.06 30.20 14.38
CA PHE A 282 33.12 30.24 13.38
C PHE A 282 34.50 30.42 13.99
N ARG A 283 34.60 31.37 14.90
CA ARG A 283 35.87 31.63 15.53
C ARG A 283 36.41 30.39 16.24
N LEU A 284 35.52 29.57 16.79
CA LEU A 284 35.95 28.37 17.50
C LEU A 284 36.45 27.28 16.57
N PHE A 285 35.78 27.14 15.44
CA PHE A 285 36.20 26.14 14.46
C PHE A 285 37.61 26.53 14.02
N THR A 286 37.68 27.69 13.37
CA THR A 286 38.91 28.26 12.84
C THR A 286 40.14 28.27 13.77
N ALA A 287 39.91 28.42 15.07
CA ALA A 287 41.02 28.46 16.00
C ALA A 287 41.46 27.08 16.44
N ILE A 288 40.51 26.20 16.74
CA ILE A 288 40.82 24.85 17.21
C ILE A 288 41.15 23.93 16.04
N MET A 289 40.57 24.22 14.88
CA MET A 289 40.79 23.40 13.69
C MET A 289 42.06 23.78 12.92
N ASN A 290 42.79 24.76 13.44
CA ASN A 290 44.03 25.20 12.84
C ASN A 290 45.14 25.18 13.87
N PHE A 291 44.82 24.65 15.03
CA PHE A 291 45.80 24.48 16.08
C PHE A 291 46.46 25.74 16.64
N LYS A 292 45.66 26.79 16.86
CA LYS A 292 46.19 28.05 17.40
C LYS A 292 46.19 28.05 18.93
N LYS A 293 46.91 27.10 19.50
CA LYS A 293 47.03 26.86 20.95
C LYS A 293 47.16 28.08 21.87
N ASP A 294 47.15 29.27 21.28
CA ASP A 294 47.30 30.50 22.05
C ASP A 294 46.01 31.30 22.13
N GLU A 295 45.17 31.16 21.13
CA GLU A 295 43.91 31.88 21.08
C GLU A 295 42.76 31.08 21.66
N ILE A 296 42.90 29.75 21.62
CA ILE A 296 41.87 28.85 22.12
C ILE A 296 41.48 29.25 23.55
N PRO A 297 42.48 29.27 24.46
CA PRO A 297 42.25 29.61 25.86
C PRO A 297 41.49 30.91 26.10
N VAL A 298 41.88 31.96 25.39
CA VAL A 298 41.26 33.28 25.52
C VAL A 298 39.85 33.31 24.94
N LEU A 299 39.64 32.57 23.85
CA LEU A 299 38.35 32.51 23.20
C LEU A 299 37.33 31.74 24.05
N LEU A 300 37.76 30.57 24.56
CA LEU A 300 36.91 29.75 25.41
C LEU A 300 36.53 30.54 26.66
N GLU A 301 37.53 31.19 27.25
CA GLU A 301 37.33 31.99 28.46
C GLU A 301 36.22 32.98 28.16
N LYS A 302 36.40 33.69 27.05
CA LYS A 302 35.48 34.71 26.58
C LYS A 302 34.04 34.23 26.43
N LEU A 303 33.84 33.03 25.88
CA LEU A 303 32.50 32.48 25.68
C LEU A 303 31.93 31.79 26.92
N GLU A 304 32.80 31.55 27.90
CA GLU A 304 32.41 30.93 29.16
C GLU A 304 32.22 29.44 29.04
N ILE A 305 33.17 28.85 28.33
CA ILE A 305 33.21 27.42 28.09
C ILE A 305 34.37 26.96 28.94
N VAL A 306 34.08 26.12 29.92
CA VAL A 306 35.10 25.59 30.81
C VAL A 306 35.36 24.13 30.49
N LEU A 307 36.63 23.78 30.38
CA LEU A 307 36.97 22.39 30.10
C LEU A 307 37.38 21.78 31.43
N LYS A 308 37.61 20.46 31.45
CA LYS A 308 38.00 19.81 32.70
C LYS A 308 39.03 18.70 32.48
N GLY A 309 39.96 18.59 33.43
CA GLY A 309 40.99 17.59 33.36
C GLY A 309 41.79 17.54 32.09
N ASP A 310 41.92 16.34 31.54
CA ASP A 310 42.69 16.09 30.32
C ASP A 310 42.10 16.69 29.06
N GLU A 311 40.91 17.28 29.17
CA GLU A 311 40.28 17.88 28.00
C GLU A 311 41.15 19.04 27.51
N LYS A 312 41.77 19.71 28.48
CA LYS A 312 42.63 20.85 28.21
C LYS A 312 43.69 20.59 27.12
N ASP A 313 44.05 19.33 26.93
CA ASP A 313 45.07 18.99 25.95
C ASP A 313 44.61 18.32 24.67
N LEU A 314 43.37 18.55 24.27
CA LEU A 314 42.87 17.96 23.03
C LEU A 314 43.36 18.80 21.88
N GLU A 315 43.20 18.27 20.67
CA GLU A 315 43.62 18.99 19.47
C GLU A 315 42.65 18.66 18.35
N GLY A 316 42.54 19.54 17.37
CA GLY A 316 41.67 19.32 16.24
C GLY A 316 40.28 18.81 16.55
N LYS A 317 39.75 17.95 15.67
CA LYS A 317 38.40 17.39 15.81
C LYS A 317 38.03 16.93 17.21
N ALA A 318 38.97 16.28 17.89
CA ALA A 318 38.73 15.78 19.24
C ALA A 318 38.26 16.88 20.17
N LEU A 319 38.83 18.06 20.00
CA LEU A 319 38.49 19.21 20.82
C LEU A 319 37.25 19.95 20.34
N LEU A 320 37.08 20.05 19.02
CA LEU A 320 35.93 20.75 18.46
C LEU A 320 34.65 20.15 18.98
N LYS A 321 34.66 18.85 19.22
CA LYS A 321 33.48 18.14 19.70
C LYS A 321 33.24 18.42 21.19
N VAL A 322 34.31 18.42 21.98
CA VAL A 322 34.16 18.68 23.41
C VAL A 322 33.68 20.11 23.66
N VAL A 323 34.43 21.07 23.13
CA VAL A 323 34.09 22.46 23.30
C VAL A 323 32.73 22.78 22.70
N MET A 324 32.38 22.14 21.59
CA MET A 324 31.11 22.41 20.93
C MET A 324 29.89 21.81 21.62
N ARG A 325 30.05 20.61 22.19
CA ARG A 325 28.96 19.97 22.88
C ARG A 325 28.67 20.72 24.19
N LYS A 326 29.72 21.24 24.84
CA LYS A 326 29.54 22.01 26.06
C LYS A 326 28.88 23.33 25.71
N PHE A 327 29.29 23.90 24.59
CA PHE A 327 28.77 25.18 24.18
C PHE A 327 27.28 25.14 23.93
N LEU A 328 26.84 24.25 23.04
CA LEU A 328 25.42 24.16 22.70
C LEU A 328 24.94 22.72 22.54
N PRO A 329 24.63 22.05 23.66
CA PRO A 329 24.15 20.67 23.70
C PRO A 329 22.90 20.43 22.85
N ALA A 330 23.11 19.80 21.69
CA ALA A 330 22.03 19.48 20.76
C ALA A 330 20.75 19.15 21.52
N ALA A 331 20.88 18.26 22.49
CA ALA A 331 19.77 17.78 23.32
C ALA A 331 18.87 18.85 23.89
N ASP A 332 19.44 19.95 24.37
CA ASP A 332 18.60 21.00 24.96
C ASP A 332 17.83 21.80 23.92
N ALA A 333 18.39 21.95 22.72
CA ALA A 333 17.71 22.69 21.68
C ALA A 333 16.44 21.94 21.27
N LEU A 334 16.59 20.65 20.94
CA LEU A 334 15.47 19.82 20.52
C LEU A 334 14.40 19.79 21.59
N LEU A 335 14.81 19.45 22.82
CA LEU A 335 13.90 19.41 23.94
C LEU A 335 13.16 20.73 24.07
N GLU A 336 13.88 21.83 23.87
CA GLU A 336 13.24 23.15 23.96
C GLU A 336 12.01 23.14 23.04
N MET A 337 12.24 23.22 21.73
CA MET A 337 11.15 23.24 20.77
C MET A 337 10.02 22.28 21.09
N ILE A 338 10.38 21.03 21.37
CA ILE A 338 9.37 20.00 21.67
C ILE A 338 8.38 20.51 22.70
N VAL A 339 8.89 20.78 23.90
CA VAL A 339 8.09 21.25 25.01
C VAL A 339 7.40 22.58 24.81
N LEU A 340 8.12 23.56 24.27
CA LEU A 340 7.58 24.91 24.08
C LEU A 340 6.73 25.19 22.84
N HIS A 341 6.82 24.36 21.81
CA HIS A 341 6.05 24.64 20.61
C HIS A 341 5.14 23.53 20.11
N LEU A 342 5.44 22.28 20.46
CA LEU A 342 4.59 21.16 20.02
C LEU A 342 3.47 20.95 21.03
N PRO A 343 2.23 20.84 20.55
CA PRO A 343 1.00 20.65 21.33
C PRO A 343 0.95 19.38 22.13
N SER A 344 0.14 19.42 23.18
CA SER A 344 -0.06 18.27 24.04
C SER A 344 -1.36 17.64 23.55
N PRO A 345 -1.78 16.49 24.12
CA PRO A 345 -3.03 15.88 23.68
C PRO A 345 -4.16 16.87 23.91
N VAL A 346 -4.28 17.28 25.17
CA VAL A 346 -5.30 18.22 25.60
C VAL A 346 -5.52 19.35 24.59
N THR A 347 -4.42 19.84 24.06
CA THR A 347 -4.44 20.93 23.08
C THR A 347 -4.81 20.43 21.68
N ALA A 348 -4.12 19.39 21.23
CA ALA A 348 -4.34 18.86 19.90
C ALA A 348 -5.63 18.09 19.73
N GLN A 349 -5.99 17.30 20.73
CA GLN A 349 -7.19 16.50 20.64
C GLN A 349 -8.46 17.32 20.46
N ALA A 350 -8.34 18.65 20.57
CA ALA A 350 -9.49 19.52 20.41
C ALA A 350 -9.75 19.89 18.95
N TYR A 351 -8.68 20.13 18.19
CA TYR A 351 -8.83 20.47 16.78
C TYR A 351 -8.58 19.25 15.91
N ARG A 352 -8.25 18.12 16.52
CA ARG A 352 -7.98 16.90 15.78
C ARG A 352 -9.06 15.86 16.03
N ALA A 353 -10.02 16.18 16.88
CA ALA A 353 -11.08 15.26 17.21
C ALA A 353 -12.05 14.93 16.08
N GLU A 354 -12.60 15.93 15.42
CA GLU A 354 -13.53 15.67 14.32
C GLU A 354 -12.93 14.73 13.29
N GLN A 355 -11.82 15.16 12.71
CA GLN A 355 -11.10 14.44 11.69
C GLN A 355 -10.82 12.96 12.01
N LEU A 356 -10.50 12.67 13.28
CA LEU A 356 -10.21 11.31 13.68
C LEU A 356 -11.46 10.50 13.97
N TYR A 357 -12.61 11.15 13.98
CA TYR A 357 -13.86 10.45 14.25
C TYR A 357 -14.73 10.39 13.00
N GLU A 358 -15.24 9.19 12.70
CA GLU A 358 -16.08 8.98 11.52
C GLU A 358 -17.55 9.16 11.82
N GLY A 359 -17.86 9.62 13.03
CA GLY A 359 -19.25 9.80 13.39
C GLY A 359 -19.72 11.24 13.52
N PRO A 360 -20.77 11.45 14.34
CA PRO A 360 -21.37 12.77 14.59
C PRO A 360 -20.39 13.68 15.35
N ALA A 361 -19.99 14.78 14.72
CA ALA A 361 -19.07 15.71 15.36
C ALA A 361 -19.64 16.26 16.67
N ASP A 362 -20.94 16.04 16.90
CA ASP A 362 -21.63 16.49 18.11
C ASP A 362 -21.92 15.28 19.00
N ASP A 363 -21.64 14.10 18.45
CA ASP A 363 -21.85 12.84 19.16
C ASP A 363 -21.26 12.90 20.57
N ALA A 364 -21.70 12.01 21.46
CA ALA A 364 -21.21 11.99 22.84
C ALA A 364 -19.73 11.68 22.92
N ASN A 365 -19.32 10.66 22.17
CA ASN A 365 -17.93 10.24 22.15
C ASN A 365 -17.06 11.27 21.44
N CYS A 366 -17.37 11.59 20.18
CA CYS A 366 -16.58 12.58 19.43
C CYS A 366 -16.24 13.79 20.29
N ILE A 367 -17.03 14.01 21.31
CA ILE A 367 -16.79 15.14 22.19
C ILE A 367 -15.76 14.79 23.24
N ALA A 368 -15.85 13.58 23.81
CA ALA A 368 -14.92 13.13 24.85
C ALA A 368 -13.49 13.08 24.35
N ILE A 369 -13.33 13.21 23.03
CA ILE A 369 -12.01 13.23 22.40
C ILE A 369 -11.51 14.67 22.53
N LYS A 370 -12.31 15.61 22.02
CA LYS A 370 -11.97 17.02 22.08
C LYS A 370 -11.55 17.39 23.48
N ASN A 371 -12.33 16.96 24.46
CA ASN A 371 -12.03 17.27 25.85
C ASN A 371 -10.90 16.45 26.42
N CYS A 372 -10.62 15.32 25.79
CA CYS A 372 -9.56 14.44 26.28
C CYS A 372 -9.95 14.05 27.71
N ASP A 373 -11.22 13.71 27.87
CA ASP A 373 -11.77 13.32 29.17
C ASP A 373 -11.60 11.84 29.47
N PRO A 374 -10.83 11.51 30.50
CA PRO A 374 -10.57 10.13 30.92
C PRO A 374 -11.76 9.45 31.57
N LYS A 375 -12.78 10.23 31.91
CA LYS A 375 -13.98 9.71 32.56
C LYS A 375 -15.10 9.31 31.60
N ALA A 376 -14.91 9.54 30.31
CA ALA A 376 -15.91 9.20 29.30
C ALA A 376 -15.78 7.74 28.87
N ASP A 377 -16.45 7.40 27.77
CA ASP A 377 -16.44 6.04 27.23
C ASP A 377 -15.16 5.74 26.46
N LEU A 378 -14.51 4.63 26.82
CA LEU A 378 -13.27 4.23 26.19
C LEU A 378 -13.25 4.47 24.70
N MET A 379 -12.14 5.01 24.23
CA MET A 379 -11.96 5.30 22.83
C MET A 379 -10.49 5.15 22.56
N LEU A 380 -10.05 3.91 22.43
CA LEU A 380 -8.67 3.59 22.16
C LEU A 380 -8.48 3.21 20.70
N TYR A 381 -7.48 3.81 20.07
CA TYR A 381 -7.19 3.54 18.66
C TYR A 381 -5.94 2.67 18.53
N VAL A 382 -6.05 1.58 17.79
CA VAL A 382 -4.92 0.69 17.58
C VAL A 382 -4.22 1.07 16.27
N SER A 383 -3.00 1.59 16.43
CA SER A 383 -2.17 2.04 15.33
C SER A 383 -1.53 0.90 14.54
N LYS A 384 -1.17 -0.19 15.21
CA LYS A 384 -0.57 -1.35 14.55
C LYS A 384 -0.31 -2.48 15.53
N MET A 385 -0.04 -3.66 14.99
CA MET A 385 0.25 -4.82 15.81
C MET A 385 1.76 -5.05 15.79
N VAL A 386 2.39 -5.07 16.97
CA VAL A 386 3.84 -5.28 17.05
C VAL A 386 4.28 -6.72 17.46
N PRO A 387 5.25 -7.30 16.71
CA PRO A 387 5.81 -8.64 16.92
C PRO A 387 6.45 -8.75 18.27
N THR A 388 6.47 -9.95 18.84
CA THR A 388 7.07 -10.15 20.16
C THR A 388 7.64 -11.55 20.30
N SER A 389 8.50 -11.75 21.29
CA SER A 389 9.10 -13.06 21.56
C SER A 389 8.12 -13.99 22.29
N ASP A 390 6.93 -13.47 22.61
CA ASP A 390 5.95 -14.29 23.30
C ASP A 390 5.25 -15.27 22.36
N LYS A 391 6.04 -16.24 21.91
CA LYS A 391 5.58 -17.29 21.01
C LYS A 391 4.49 -16.90 20.01
N GLY A 392 4.90 -16.20 18.96
CA GLY A 392 3.98 -15.80 17.91
C GLY A 392 2.84 -14.86 18.25
N ARG A 393 2.86 -14.26 19.44
CA ARG A 393 1.79 -13.33 19.80
C ARG A 393 2.21 -11.89 19.51
N PHE A 394 1.26 -11.08 19.06
CA PHE A 394 1.50 -9.69 18.75
C PHE A 394 0.82 -8.83 19.81
N TYR A 395 1.30 -7.61 19.99
CA TYR A 395 0.69 -6.72 20.97
C TYR A 395 0.07 -5.56 20.22
N ALA A 396 -0.98 -4.97 20.77
CA ALA A 396 -1.60 -3.86 20.10
C ALA A 396 -0.93 -2.57 20.56
N PHE A 397 -0.45 -1.77 19.62
CA PHE A 397 0.17 -0.51 19.99
C PHE A 397 -0.80 0.59 19.59
N GLY A 398 -1.14 1.46 20.53
CA GLY A 398 -2.07 2.52 20.21
C GLY A 398 -2.11 3.65 21.22
N ARG A 399 -3.11 4.52 21.05
CA ARG A 399 -3.29 5.70 21.90
C ARG A 399 -4.68 5.69 22.52
N VAL A 400 -4.77 6.11 23.79
CA VAL A 400 -6.06 6.18 24.47
C VAL A 400 -6.63 7.60 24.28
N PHE A 401 -7.54 7.76 23.33
CA PHE A 401 -8.12 9.06 23.02
C PHE A 401 -9.24 9.59 23.91
N ALA A 402 -9.84 8.71 24.70
CA ALA A 402 -10.93 9.08 25.60
C ALA A 402 -11.19 7.96 26.60
N GLY A 403 -11.69 8.31 27.78
CA GLY A 403 -11.94 7.31 28.79
C GLY A 403 -10.60 6.78 29.24
N THR A 404 -10.56 5.58 29.83
CA THR A 404 -9.28 4.99 30.25
C THR A 404 -9.34 3.48 30.15
N VAL A 405 -8.21 2.85 29.85
CA VAL A 405 -8.15 1.40 29.71
C VAL A 405 -7.73 0.80 31.03
N LYS A 406 -8.12 -0.45 31.24
CA LYS A 406 -7.78 -1.18 32.45
C LYS A 406 -7.53 -2.65 32.12
N SER A 407 -6.59 -3.26 32.83
CA SER A 407 -6.27 -4.66 32.62
C SER A 407 -7.53 -5.48 32.92
N GLY A 408 -7.81 -6.48 32.08
CA GLY A 408 -8.99 -7.31 32.29
C GLY A 408 -10.32 -6.64 31.95
N GLN A 409 -10.25 -5.45 31.39
CA GLN A 409 -11.44 -4.71 31.02
C GLN A 409 -12.26 -5.45 29.96
N LYS A 410 -13.54 -5.15 29.88
CA LYS A 410 -14.42 -5.76 28.90
C LYS A 410 -14.64 -4.74 27.80
N VAL A 411 -14.02 -4.97 26.65
CA VAL A 411 -14.11 -4.04 25.53
C VAL A 411 -14.80 -4.56 24.28
N ARG A 412 -15.23 -3.60 23.46
CA ARG A 412 -15.93 -3.86 22.21
C ARG A 412 -14.98 -3.61 21.04
N ILE A 413 -14.24 -4.65 20.64
CA ILE A 413 -13.29 -4.52 19.53
C ILE A 413 -14.01 -4.39 18.20
N GLN A 414 -13.85 -3.24 17.55
CA GLN A 414 -14.48 -2.99 16.26
C GLN A 414 -13.43 -3.05 15.16
N GLY A 415 -13.68 -3.81 14.11
CA GLY A 415 -12.73 -3.90 13.03
C GLY A 415 -12.89 -2.77 12.04
N PRO A 416 -12.27 -2.87 10.84
CA PRO A 416 -12.34 -1.87 9.77
C PRO A 416 -13.67 -1.83 9.02
N ASN A 417 -14.48 -2.88 9.18
CA ASN A 417 -15.78 -2.96 8.51
C ASN A 417 -16.94 -2.75 9.47
N TYR A 418 -16.68 -2.94 10.75
CA TYR A 418 -17.71 -2.77 11.77
C TYR A 418 -18.59 -1.55 11.52
N VAL A 419 -19.90 -1.70 11.74
CA VAL A 419 -20.88 -0.62 11.60
C VAL A 419 -21.70 -0.66 12.90
N PRO A 420 -21.92 0.50 13.53
CA PRO A 420 -22.69 0.61 14.78
C PRO A 420 -23.83 -0.40 14.95
N GLY A 421 -24.77 -0.39 14.02
CA GLY A 421 -25.87 -1.33 14.11
C GLY A 421 -25.37 -2.74 13.83
N LYS A 422 -25.23 -3.04 12.55
CA LYS A 422 -24.76 -4.34 12.10
C LYS A 422 -23.71 -4.94 13.05
N LYS A 423 -23.70 -6.26 13.16
CA LYS A 423 -22.77 -6.99 14.02
C LYS A 423 -21.68 -7.66 13.18
N ASP A 424 -20.93 -6.87 12.42
CA ASP A 424 -19.85 -7.39 11.59
C ASP A 424 -18.53 -6.80 12.08
N ASP A 425 -17.51 -7.64 12.21
CA ASP A 425 -16.20 -7.20 12.68
C ASP A 425 -16.22 -6.89 14.17
N LEU A 426 -17.37 -7.08 14.80
CA LEU A 426 -17.47 -6.79 16.23
C LEU A 426 -17.02 -7.96 17.08
N PHE A 427 -16.35 -7.67 18.19
CA PHE A 427 -15.85 -8.69 19.11
C PHE A 427 -15.96 -8.20 20.55
N ILE A 428 -16.82 -8.85 21.32
CA ILE A 428 -17.02 -8.46 22.70
C ILE A 428 -16.15 -9.30 23.62
N LYS A 429 -14.84 -9.15 23.51
CA LYS A 429 -13.94 -9.93 24.37
C LYS A 429 -13.33 -9.03 25.46
N ALA A 430 -12.38 -9.58 26.22
CA ALA A 430 -11.73 -8.83 27.29
C ALA A 430 -10.20 -8.69 27.14
N ILE A 431 -9.68 -7.56 27.61
CA ILE A 431 -8.25 -7.22 27.55
C ILE A 431 -7.45 -7.99 28.59
N GLN A 432 -6.52 -8.83 28.14
CA GLN A 432 -5.68 -9.60 29.07
C GLN A 432 -4.88 -8.68 29.99
N ARG A 433 -3.97 -7.92 29.39
CA ARG A 433 -3.15 -7.01 30.16
C ARG A 433 -2.91 -5.71 29.37
N VAL A 434 -2.67 -4.63 30.11
CA VAL A 434 -2.37 -3.31 29.53
C VAL A 434 -0.91 -3.06 29.86
N VAL A 435 -0.11 -2.72 28.86
CA VAL A 435 1.30 -2.50 29.14
C VAL A 435 1.93 -1.29 28.52
N LEU A 436 3.13 -1.02 29.00
CA LEU A 436 3.94 0.09 28.54
C LEU A 436 4.90 -0.47 27.51
N MET A 437 5.03 0.25 26.40
CA MET A 437 5.90 -0.11 25.30
C MET A 437 7.16 0.75 25.39
N MET A 438 8.10 0.30 26.21
CA MET A 438 9.37 1.00 26.44
C MET A 438 10.43 0.48 25.48
N GLY A 439 10.30 0.84 24.21
CA GLY A 439 11.26 0.36 23.25
C GLY A 439 11.21 -1.14 23.08
N ARG A 440 12.30 -1.79 23.39
CA ARG A 440 12.36 -3.23 23.25
C ARG A 440 11.77 -4.00 24.39
N PHE A 441 11.27 -3.29 25.40
CA PHE A 441 10.69 -3.95 26.56
C PHE A 441 9.30 -3.42 26.89
N VAL A 442 8.59 -4.20 27.70
CA VAL A 442 7.22 -3.89 28.12
C VAL A 442 7.12 -3.90 29.64
N GLU A 443 6.09 -3.27 30.19
CA GLU A 443 5.90 -3.23 31.63
C GLU A 443 4.41 -3.13 31.93
N PRO A 444 3.87 -4.10 32.69
CA PRO A 444 2.46 -4.12 33.04
C PRO A 444 2.09 -2.97 33.98
N ILE A 445 0.90 -2.46 33.80
CA ILE A 445 0.42 -1.38 34.63
C ILE A 445 -1.05 -1.60 34.86
N ASP A 446 -1.64 -0.87 35.81
CA ASP A 446 -3.05 -1.04 36.10
C ASP A 446 -3.99 -0.38 35.09
N ASP A 447 -3.63 0.79 34.60
CA ASP A 447 -4.48 1.52 33.66
C ASP A 447 -3.71 2.57 32.88
N CYS A 448 -4.43 3.34 32.08
CA CYS A 448 -3.84 4.42 31.31
C CYS A 448 -5.01 5.31 30.87
N PRO A 449 -5.04 6.57 31.32
CA PRO A 449 -6.09 7.55 30.99
C PRO A 449 -5.98 8.11 29.59
N ALA A 450 -7.00 8.85 29.17
CA ALA A 450 -6.96 9.43 27.84
C ALA A 450 -5.69 10.26 27.68
N GLY A 451 -5.18 10.34 26.45
CA GLY A 451 -3.99 11.13 26.17
C GLY A 451 -2.63 10.46 26.12
N ASN A 452 -2.54 9.16 26.38
CA ASN A 452 -1.24 8.49 26.36
C ASN A 452 -1.05 7.43 25.26
N ILE A 453 0.16 6.87 25.23
CA ILE A 453 0.54 5.83 24.30
C ILE A 453 0.75 4.58 25.13
N ILE A 454 0.12 3.47 24.75
CA ILE A 454 0.24 2.18 25.44
C ILE A 454 0.10 1.01 24.51
N GLY A 455 0.36 -0.17 25.05
CA GLY A 455 0.22 -1.39 24.27
C GLY A 455 -0.82 -2.29 24.92
N LEU A 456 -1.32 -3.26 24.18
CA LEU A 456 -2.32 -4.18 24.71
C LEU A 456 -2.01 -5.62 24.33
N VAL A 457 -1.97 -6.48 25.35
CA VAL A 457 -1.68 -7.90 25.16
C VAL A 457 -2.98 -8.74 25.24
N GLY A 458 -3.26 -9.49 24.18
CA GLY A 458 -4.45 -10.32 24.15
C GLY A 458 -5.50 -9.98 23.10
N ILE A 459 -5.16 -9.10 22.17
CA ILE A 459 -6.10 -8.73 21.12
C ILE A 459 -5.75 -9.47 19.83
N ASP A 460 -4.51 -9.95 19.74
CA ASP A 460 -3.98 -10.70 18.61
C ASP A 460 -4.98 -11.05 17.51
N GLN A 461 -5.65 -12.15 17.79
CA GLN A 461 -6.65 -12.81 16.97
C GLN A 461 -7.93 -12.07 16.56
N PHE A 462 -8.26 -10.98 17.23
CA PHE A 462 -9.48 -10.24 16.91
C PHE A 462 -9.26 -9.00 16.07
N LEU A 463 -8.09 -8.41 16.17
CA LEU A 463 -7.79 -7.24 15.38
C LEU A 463 -6.53 -7.58 14.61
N LEU A 464 -6.64 -7.70 13.30
CA LEU A 464 -5.48 -8.03 12.49
C LEU A 464 -4.45 -6.92 12.51
N LYS A 465 -4.89 -5.71 12.18
CA LYS A 465 -4.03 -4.53 12.17
C LYS A 465 -4.80 -3.39 12.83
N THR A 466 -4.96 -2.27 12.12
CA THR A 466 -5.70 -1.13 12.67
C THR A 466 -7.11 -1.53 13.17
N GLY A 467 -7.62 -0.76 14.14
CA GLY A 467 -8.93 -1.01 14.72
C GLY A 467 -9.25 -0.05 15.86
N THR A 468 -10.50 -0.03 16.31
CA THR A 468 -10.93 0.85 17.40
C THR A 468 -11.53 0.06 18.55
N LEU A 469 -11.16 0.41 19.78
CA LEU A 469 -11.72 -0.24 20.96
C LEU A 469 -12.61 0.76 21.66
N THR A 470 -13.81 0.33 22.01
CA THR A 470 -14.80 1.19 22.66
C THR A 470 -15.44 0.58 23.88
N THR A 471 -16.09 1.42 24.67
CA THR A 471 -16.77 0.96 25.88
C THR A 471 -18.22 1.45 25.77
N SER A 472 -18.50 2.12 24.66
CA SER A 472 -19.84 2.67 24.41
C SER A 472 -20.48 1.89 23.26
N GLU A 473 -21.74 1.50 23.45
CA GLU A 473 -22.46 0.74 22.44
C GLU A 473 -22.95 1.61 21.28
N THR A 474 -23.09 2.92 21.53
CA THR A 474 -23.52 3.85 20.49
C THR A 474 -22.26 4.55 20.03
N ALA A 475 -21.21 3.76 19.82
CA ALA A 475 -19.92 4.31 19.39
C ALA A 475 -19.59 4.07 17.92
N HIS A 476 -18.95 5.06 17.33
CA HIS A 476 -18.54 5.01 15.94
C HIS A 476 -17.05 4.62 15.85
N ASN A 477 -16.62 4.20 14.66
CA ASN A 477 -15.23 3.80 14.44
C ASN A 477 -14.39 5.03 14.12
N MET A 478 -13.11 4.96 14.47
CA MET A 478 -12.19 6.06 14.20
C MET A 478 -11.50 5.83 12.87
N LYS A 479 -11.38 6.90 12.07
CA LYS A 479 -10.77 6.85 10.75
C LYS A 479 -10.16 5.49 10.48
N VAL A 480 -10.88 4.67 9.73
CA VAL A 480 -10.46 3.30 9.43
C VAL A 480 -9.78 3.08 8.07
N MET A 481 -9.06 1.96 7.99
CA MET A 481 -8.34 1.57 6.78
C MET A 481 -9.06 0.37 6.13
N LYS A 482 -9.27 0.46 4.81
CA LYS A 482 -9.97 -0.57 4.04
C LYS A 482 -9.13 -1.81 3.70
N PHE A 483 -9.82 -2.94 3.60
CA PHE A 483 -9.22 -4.24 3.32
C PHE A 483 -9.51 -4.80 1.93
N SER A 484 -8.89 -5.94 1.64
CA SER A 484 -9.12 -6.66 0.41
C SER A 484 -9.70 -7.92 1.06
N VAL A 485 -10.91 -8.31 0.68
CA VAL A 485 -11.49 -9.49 1.29
C VAL A 485 -12.02 -10.50 0.30
N SER A 486 -11.81 -10.24 -0.98
CA SER A 486 -12.25 -11.17 -1.99
C SER A 486 -11.03 -12.00 -2.34
N PRO A 487 -11.23 -13.26 -2.75
CA PRO A 487 -10.02 -14.00 -3.09
C PRO A 487 -9.59 -13.47 -4.45
N VAL A 488 -8.30 -13.30 -4.64
CA VAL A 488 -7.79 -12.82 -5.92
C VAL A 488 -6.46 -13.45 -6.20
N VAL A 489 -5.69 -13.71 -5.14
CA VAL A 489 -4.39 -14.30 -5.33
C VAL A 489 -4.55 -15.81 -5.42
N GLN A 490 -4.28 -16.38 -6.59
CA GLN A 490 -4.41 -17.83 -6.73
C GLN A 490 -3.34 -18.48 -7.60
N VAL A 491 -3.11 -19.77 -7.37
CA VAL A 491 -2.12 -20.55 -8.11
C VAL A 491 -2.65 -21.99 -8.25
N ALA A 492 -2.00 -22.79 -9.09
CA ALA A 492 -2.41 -24.17 -9.32
C ALA A 492 -1.66 -25.18 -8.40
N VAL A 493 -2.39 -26.02 -7.67
CA VAL A 493 -1.72 -26.98 -6.79
C VAL A 493 -1.80 -28.41 -7.33
N GLU A 494 -0.66 -29.11 -7.30
CA GLU A 494 -0.59 -30.48 -7.78
C GLU A 494 0.36 -31.37 -6.99
N VAL A 495 0.03 -32.66 -6.93
CA VAL A 495 0.85 -33.59 -6.18
C VAL A 495 2.08 -34.06 -6.94
N LYS A 496 3.17 -34.21 -6.19
CA LYS A 496 4.45 -34.66 -6.73
C LYS A 496 4.39 -36.16 -7.00
N ASN A 497 3.80 -36.93 -6.09
CA ASN A 497 3.64 -38.35 -6.38
C ASN A 497 2.18 -38.58 -6.67
N ALA A 498 1.90 -38.97 -7.91
CA ALA A 498 0.54 -39.22 -8.37
C ALA A 498 -0.30 -39.98 -7.36
N ASN A 499 0.36 -40.83 -6.58
CA ASN A 499 -0.33 -41.64 -5.58
C ASN A 499 -0.83 -40.89 -4.36
N ASP A 500 -0.46 -39.63 -4.23
CA ASP A 500 -0.91 -38.87 -3.08
C ASP A 500 -2.18 -38.09 -3.40
N LEU A 501 -2.56 -38.08 -4.68
CA LEU A 501 -3.75 -37.38 -5.12
C LEU A 501 -4.86 -37.42 -4.06
N PRO A 502 -5.25 -38.62 -3.60
CA PRO A 502 -6.30 -38.73 -2.58
C PRO A 502 -6.09 -37.82 -1.36
N LYS A 503 -4.84 -37.61 -0.97
CA LYS A 503 -4.55 -36.76 0.19
C LYS A 503 -4.58 -35.26 -0.13
N LEU A 504 -4.25 -34.90 -1.37
CA LEU A 504 -4.26 -33.49 -1.79
C LEU A 504 -5.69 -33.04 -1.78
N VAL A 505 -6.55 -33.87 -2.36
CA VAL A 505 -7.99 -33.65 -2.43
C VAL A 505 -8.52 -33.66 -1.00
N GLU A 506 -8.11 -34.68 -0.26
CA GLU A 506 -8.54 -34.82 1.11
C GLU A 506 -8.28 -33.52 1.87
N GLY A 507 -7.08 -32.97 1.67
CA GLY A 507 -6.67 -31.75 2.35
C GLY A 507 -7.17 -30.43 1.84
N LEU A 508 -7.73 -30.41 0.64
CA LEU A 508 -8.27 -29.18 0.08
C LEU A 508 -9.61 -28.88 0.71
N LYS A 509 -10.31 -29.91 1.17
CA LYS A 509 -11.60 -29.68 1.81
C LYS A 509 -11.31 -29.29 3.25
N ARG A 510 -10.17 -29.74 3.75
CA ARG A 510 -9.75 -29.41 5.10
C ARG A 510 -9.35 -27.93 5.22
N LEU A 511 -8.60 -27.45 4.24
CA LEU A 511 -8.17 -26.06 4.18
C LEU A 511 -9.43 -25.19 4.20
N SER A 512 -10.30 -25.41 3.21
CA SER A 512 -11.57 -24.67 3.08
C SER A 512 -12.44 -24.65 4.33
N LYS A 513 -12.61 -25.81 4.96
CA LYS A 513 -13.44 -25.90 6.16
C LYS A 513 -12.89 -25.03 7.30
N SER A 514 -11.59 -24.79 7.30
CA SER A 514 -11.03 -24.00 8.37
C SER A 514 -10.91 -22.51 8.05
N ASP A 515 -10.44 -22.18 6.85
CA ASP A 515 -10.27 -20.76 6.49
C ASP A 515 -11.42 -20.18 5.66
N PRO A 516 -12.34 -19.47 6.31
CA PRO A 516 -13.49 -18.85 5.65
C PRO A 516 -13.11 -17.83 4.60
N CYS A 517 -11.82 -17.47 4.57
CA CYS A 517 -11.34 -16.48 3.61
C CYS A 517 -10.53 -17.07 2.45
N VAL A 518 -10.55 -18.40 2.34
CA VAL A 518 -9.81 -19.09 1.27
C VAL A 518 -10.82 -19.66 0.31
N LEU A 519 -10.34 -20.03 -0.89
CA LEU A 519 -11.21 -20.58 -1.93
C LEU A 519 -10.46 -21.63 -2.75
N THR A 520 -11.15 -22.74 -3.05
CA THR A 520 -10.58 -23.86 -3.81
C THR A 520 -11.52 -24.29 -4.92
N TYR A 521 -11.00 -24.55 -6.11
CA TYR A 521 -11.89 -24.96 -7.18
C TYR A 521 -11.11 -25.59 -8.32
N MET A 522 -11.84 -26.08 -9.33
CA MET A 522 -11.22 -26.72 -10.46
C MET A 522 -11.18 -25.79 -11.64
N SER A 523 -10.03 -25.65 -12.26
CA SER A 523 -9.96 -24.73 -13.38
C SER A 523 -10.59 -25.38 -14.60
N GLU A 524 -11.00 -24.56 -15.56
CA GLU A 524 -11.58 -25.07 -16.78
C GLU A 524 -10.60 -26.11 -17.32
N SER A 525 -9.32 -25.84 -17.12
CA SER A 525 -8.25 -26.71 -17.61
C SER A 525 -7.85 -27.83 -16.66
N GLY A 526 -8.79 -28.21 -15.79
CA GLY A 526 -8.57 -29.30 -14.85
C GLY A 526 -7.52 -29.23 -13.77
N GLU A 527 -7.22 -28.07 -13.23
CA GLU A 527 -6.20 -28.03 -12.17
C GLU A 527 -6.89 -27.68 -10.88
N HIS A 528 -6.41 -28.22 -9.79
CA HIS A 528 -7.00 -27.84 -8.52
C HIS A 528 -6.49 -26.42 -8.35
N ILE A 529 -7.23 -25.59 -7.63
CA ILE A 529 -6.82 -24.21 -7.47
C ILE A 529 -7.07 -23.63 -6.10
N VAL A 530 -6.06 -22.94 -5.58
CA VAL A 530 -6.16 -22.30 -4.28
C VAL A 530 -6.08 -20.80 -4.50
N ALA A 531 -7.03 -20.07 -3.93
CA ALA A 531 -7.08 -18.63 -4.09
C ALA A 531 -7.23 -17.92 -2.76
N GLY A 532 -6.56 -16.80 -2.60
CA GLY A 532 -6.67 -16.09 -1.36
C GLY A 532 -6.57 -14.58 -1.42
N THR A 533 -6.93 -14.00 -0.29
CA THR A 533 -6.94 -12.59 0.01
C THR A 533 -5.74 -11.77 -0.44
N GLY A 534 -4.58 -12.05 0.13
CA GLY A 534 -3.38 -11.31 -0.23
C GLY A 534 -2.31 -12.33 -0.52
N GLU A 535 -1.06 -11.91 -0.73
CA GLU A 535 0.00 -12.89 -1.01
C GLU A 535 0.42 -13.55 0.27
N LEU A 536 0.26 -12.81 1.37
CA LEU A 536 0.65 -13.35 2.66
C LEU A 536 -0.32 -14.42 3.03
N HIS A 537 -1.58 -14.18 2.72
CA HIS A 537 -2.65 -15.13 3.02
C HIS A 537 -2.48 -16.45 2.25
N LEU A 538 -2.28 -16.33 0.94
CA LEU A 538 -2.09 -17.50 0.11
C LEU A 538 -0.91 -18.24 0.69
N GLU A 539 0.11 -17.48 1.06
CA GLU A 539 1.34 -18.05 1.64
C GLU A 539 1.10 -19.00 2.78
N ILE A 540 0.37 -18.51 3.78
CA ILE A 540 0.05 -19.28 4.98
C ILE A 540 -0.77 -20.45 4.55
N CYS A 541 -1.68 -20.21 3.62
CA CYS A 541 -2.56 -21.26 3.11
C CYS A 541 -1.82 -22.43 2.46
N LEU A 542 -1.10 -22.17 1.36
CA LEU A 542 -0.35 -23.21 0.67
C LEU A 542 0.56 -23.92 1.66
N GLN A 543 1.01 -23.18 2.66
CA GLN A 543 1.90 -23.73 3.65
C GLN A 543 1.18 -24.81 4.40
N ASP A 544 0.17 -24.44 5.17
CA ASP A 544 -0.58 -25.42 5.92
C ASP A 544 -1.04 -26.57 5.04
N LEU A 545 -1.56 -26.25 3.86
CA LEU A 545 -2.02 -27.32 2.99
C LEU A 545 -0.99 -28.44 2.86
N GLU A 546 0.19 -28.10 2.35
CA GLU A 546 1.24 -29.09 2.13
C GLU A 546 1.87 -29.75 3.34
N HIS A 547 1.78 -29.13 4.51
CA HIS A 547 2.36 -29.70 5.72
C HIS A 547 1.37 -30.25 6.74
N ASP A 548 0.10 -29.86 6.67
CA ASP A 548 -0.91 -30.35 7.62
C ASP A 548 -2.22 -30.80 6.98
N HIS A 549 -2.86 -29.90 6.25
CA HIS A 549 -4.12 -30.22 5.59
C HIS A 549 -3.99 -31.46 4.70
N ALA A 550 -3.02 -31.45 3.80
CA ALA A 550 -2.79 -32.57 2.91
C ALA A 550 -1.54 -33.28 3.34
N GLY A 551 -0.58 -32.52 3.85
CA GLY A 551 0.66 -33.12 4.28
C GLY A 551 1.13 -34.12 3.24
N VAL A 552 1.59 -33.59 2.11
CA VAL A 552 2.07 -34.39 1.00
C VAL A 552 2.82 -33.38 0.15
N PRO A 553 3.93 -33.78 -0.48
CA PRO A 553 4.72 -32.89 -1.32
C PRO A 553 3.88 -32.37 -2.49
N LEU A 554 3.93 -31.07 -2.76
CA LEU A 554 3.14 -30.49 -3.84
C LEU A 554 3.98 -29.55 -4.69
N LYS A 555 3.64 -29.40 -5.98
CA LYS A 555 4.35 -28.43 -6.82
C LYS A 555 3.40 -27.30 -7.18
N ILE A 556 3.65 -26.12 -6.62
CA ILE A 556 2.80 -24.98 -6.86
C ILE A 556 3.23 -24.26 -8.11
N SER A 557 2.29 -23.69 -8.85
CA SER A 557 2.62 -23.00 -10.08
C SER A 557 1.49 -22.09 -10.55
N PRO A 558 1.77 -21.24 -11.55
CA PRO A 558 0.78 -20.31 -12.10
C PRO A 558 -0.31 -21.12 -12.79
N PRO A 559 -1.58 -20.84 -12.50
CA PRO A 559 -2.68 -21.58 -13.14
C PRO A 559 -2.69 -21.45 -14.64
N VAL A 560 -2.96 -22.57 -15.33
CA VAL A 560 -3.02 -22.60 -16.79
C VAL A 560 -4.29 -21.97 -17.32
N VAL A 561 -4.15 -21.08 -18.33
CA VAL A 561 -5.29 -20.38 -18.93
C VAL A 561 -5.88 -21.09 -20.13
N ALA A 562 -7.20 -21.07 -20.21
CA ALA A 562 -7.92 -21.72 -21.29
C ALA A 562 -8.19 -20.76 -22.41
N TYR A 563 -8.22 -21.27 -23.64
CA TYR A 563 -8.49 -20.43 -24.79
C TYR A 563 -9.62 -21.03 -25.63
N ARG A 564 -10.04 -20.27 -26.62
CA ARG A 564 -11.12 -20.69 -27.51
C ARG A 564 -10.66 -20.56 -28.94
N GLU A 565 -10.78 -21.63 -29.70
CA GLU A 565 -10.40 -21.57 -31.08
C GLU A 565 -11.62 -21.09 -31.86
N THR A 566 -11.43 -20.01 -32.63
CA THR A 566 -12.49 -19.41 -33.43
C THR A 566 -12.00 -19.03 -34.81
N VAL A 567 -12.94 -18.75 -35.71
CA VAL A 567 -12.64 -18.36 -37.08
C VAL A 567 -13.00 -16.90 -37.28
N GLU A 568 -12.35 -16.26 -38.25
CA GLU A 568 -12.53 -14.85 -38.50
C GLU A 568 -13.49 -14.48 -39.65
N SER A 569 -13.62 -15.37 -40.62
CA SER A 569 -14.47 -15.13 -41.78
C SER A 569 -14.88 -16.41 -42.49
N GLU A 570 -15.58 -16.28 -43.62
CA GLU A 570 -16.01 -17.43 -44.39
C GLU A 570 -14.79 -18.01 -45.06
N SER A 571 -14.64 -19.32 -44.98
CA SER A 571 -13.52 -20.02 -45.57
C SER A 571 -13.31 -19.52 -47.01
N SER A 572 -12.06 -19.17 -47.32
CA SER A 572 -11.69 -18.66 -48.64
C SER A 572 -12.08 -19.59 -49.78
N GLN A 573 -12.18 -20.88 -49.49
CA GLN A 573 -12.58 -21.83 -50.52
C GLN A 573 -13.30 -23.02 -49.89
N THR A 574 -14.11 -23.70 -50.69
CA THR A 574 -14.86 -24.85 -50.22
C THR A 574 -13.91 -25.92 -49.73
N ALA A 575 -14.36 -26.71 -48.75
CA ALA A 575 -13.53 -27.75 -48.20
C ALA A 575 -14.05 -29.13 -48.60
N LEU A 576 -13.13 -30.03 -48.94
CA LEU A 576 -13.50 -31.39 -49.35
C LEU A 576 -12.80 -32.40 -48.47
N SER A 577 -13.39 -33.57 -48.31
CA SER A 577 -12.80 -34.63 -47.51
C SER A 577 -13.51 -35.92 -47.82
N LYS A 578 -12.75 -36.94 -48.25
CA LYS A 578 -13.33 -38.23 -48.60
C LYS A 578 -13.08 -39.24 -47.50
N SER A 579 -14.04 -40.13 -47.26
CA SER A 579 -13.87 -41.13 -46.23
C SER A 579 -12.71 -42.08 -46.60
N PRO A 580 -12.29 -42.97 -45.67
CA PRO A 580 -11.20 -43.90 -45.97
C PRO A 580 -11.70 -45.01 -46.89
N ASN A 581 -12.88 -44.79 -47.46
CA ASN A 581 -13.50 -45.71 -48.39
C ASN A 581 -13.27 -45.18 -49.77
N LYS A 582 -12.93 -43.90 -49.82
CA LYS A 582 -12.70 -43.21 -51.08
C LYS A 582 -14.06 -43.15 -51.82
N HIS A 583 -15.10 -43.57 -51.09
CA HIS A 583 -16.49 -43.62 -51.56
C HIS A 583 -17.45 -42.46 -51.26
N ASN A 584 -17.38 -41.91 -50.05
CA ASN A 584 -18.26 -40.80 -49.68
C ASN A 584 -17.43 -39.52 -49.56
N ARG A 585 -18.03 -38.39 -49.89
CA ARG A 585 -17.34 -37.11 -49.79
C ARG A 585 -18.23 -36.10 -49.08
N ILE A 586 -17.61 -35.10 -48.44
CA ILE A 586 -18.35 -34.04 -47.76
C ILE A 586 -17.77 -32.71 -48.16
N TYR A 587 -18.65 -31.77 -48.49
CA TYR A 587 -18.24 -30.41 -48.90
C TYR A 587 -18.90 -29.40 -47.97
N LEU A 588 -18.10 -28.65 -47.21
CA LEU A 588 -18.66 -27.66 -46.30
C LEU A 588 -17.84 -26.38 -46.27
N LYS A 589 -18.35 -25.40 -45.54
CA LYS A 589 -17.67 -24.13 -45.39
C LYS A 589 -17.95 -23.68 -43.98
N ALA A 590 -17.06 -22.88 -43.44
CA ALA A 590 -17.26 -22.39 -42.09
C ALA A 590 -17.28 -20.87 -42.10
N GLU A 591 -18.10 -20.28 -41.23
CA GLU A 591 -18.18 -18.84 -41.13
C GLU A 591 -18.44 -18.48 -39.67
N PRO A 592 -18.16 -17.23 -39.29
CA PRO A 592 -18.35 -16.71 -37.93
C PRO A 592 -19.79 -16.54 -37.42
N ILE A 593 -20.01 -16.83 -36.16
CA ILE A 593 -21.32 -16.61 -35.55
C ILE A 593 -21.15 -15.32 -34.79
N ASP A 594 -22.18 -14.50 -34.77
CA ASP A 594 -22.09 -13.22 -34.08
C ASP A 594 -21.95 -13.30 -32.57
N GLU A 595 -21.18 -12.37 -32.00
CA GLU A 595 -20.96 -12.39 -30.55
C GLU A 595 -22.23 -12.24 -29.71
N GLU A 596 -23.14 -11.36 -30.11
CA GLU A 596 -24.36 -11.18 -29.35
C GLU A 596 -25.09 -12.53 -29.32
N VAL A 597 -24.97 -13.25 -30.42
CA VAL A 597 -25.62 -14.56 -30.56
C VAL A 597 -24.90 -15.62 -29.71
N SER A 598 -23.59 -15.77 -29.90
CA SER A 598 -22.82 -16.72 -29.12
C SER A 598 -23.14 -16.56 -27.63
N LEU A 599 -23.34 -15.33 -27.21
CA LEU A 599 -23.66 -15.08 -25.82
C LEU A 599 -25.03 -15.67 -25.50
N ALA A 600 -25.97 -15.45 -26.41
CA ALA A 600 -27.34 -15.94 -26.21
C ALA A 600 -27.36 -17.46 -26.08
N ILE A 601 -26.53 -18.14 -26.86
CA ILE A 601 -26.49 -19.57 -26.78
C ILE A 601 -25.92 -19.86 -25.41
N GLU A 602 -24.77 -19.26 -25.09
CA GLU A 602 -24.17 -19.49 -23.78
C GLU A 602 -25.10 -19.20 -22.57
N ASN A 603 -25.85 -18.10 -22.62
CA ASN A 603 -26.74 -17.73 -21.52
C ASN A 603 -28.09 -18.43 -21.52
N GLY A 604 -28.28 -19.32 -22.48
CA GLY A 604 -29.49 -20.08 -22.58
C GLY A 604 -30.76 -19.36 -23.04
N ILE A 605 -30.61 -18.38 -23.93
CA ILE A 605 -31.78 -17.67 -24.44
C ILE A 605 -32.12 -18.40 -25.71
N ILE A 606 -31.08 -18.91 -26.36
CA ILE A 606 -31.23 -19.71 -27.58
C ILE A 606 -30.82 -21.11 -27.12
N ASN A 607 -31.80 -21.96 -26.86
CA ASN A 607 -31.52 -23.30 -26.34
C ASN A 607 -31.83 -24.51 -27.26
N PRO A 608 -30.92 -25.48 -27.34
CA PRO A 608 -31.20 -26.63 -28.20
C PRO A 608 -32.31 -27.52 -27.63
N ARG A 609 -32.60 -27.35 -26.35
CA ARG A 609 -33.62 -28.14 -25.70
C ARG A 609 -35.01 -27.51 -25.81
N ASP A 610 -35.07 -26.22 -26.14
CA ASP A 610 -36.36 -25.54 -26.27
C ASP A 610 -37.05 -25.90 -27.58
N ASP A 611 -38.39 -25.91 -27.55
CA ASP A 611 -39.18 -26.26 -28.73
C ASP A 611 -38.75 -25.54 -29.99
N PHE A 612 -38.89 -26.19 -31.13
CA PHE A 612 -38.50 -25.50 -32.34
C PHE A 612 -39.37 -24.24 -32.45
N LYS A 613 -40.58 -24.33 -31.91
CA LYS A 613 -41.47 -23.19 -31.93
C LYS A 613 -40.78 -21.94 -31.36
N ALA A 614 -40.60 -21.90 -30.05
CA ALA A 614 -39.97 -20.74 -29.45
C ALA A 614 -38.59 -20.47 -30.02
N ARG A 615 -37.85 -21.52 -30.30
CA ARG A 615 -36.49 -21.34 -30.79
C ARG A 615 -36.37 -20.68 -32.17
N ALA A 616 -37.14 -21.17 -33.12
CA ALA A 616 -37.11 -20.62 -34.47
C ALA A 616 -37.43 -19.14 -34.43
N ARG A 617 -38.38 -18.79 -33.60
CA ARG A 617 -38.83 -17.41 -33.48
C ARG A 617 -37.72 -16.42 -33.10
N ILE A 618 -37.07 -16.72 -31.99
CA ILE A 618 -36.00 -15.92 -31.44
C ILE A 618 -34.87 -15.66 -32.42
N MET A 619 -34.40 -16.68 -33.10
CA MET A 619 -33.32 -16.48 -34.05
C MET A 619 -33.70 -15.69 -35.30
N ALA A 620 -34.98 -15.67 -35.62
CA ALA A 620 -35.43 -14.94 -36.80
C ALA A 620 -35.92 -13.57 -36.40
N ASP A 621 -36.86 -13.54 -35.47
CA ASP A 621 -37.42 -12.30 -34.99
C ASP A 621 -36.55 -11.48 -34.05
N ASP A 622 -35.44 -12.02 -33.56
CA ASP A 622 -34.57 -11.24 -32.66
C ASP A 622 -33.09 -11.24 -32.99
N TYR A 623 -32.63 -12.15 -33.83
CA TYR A 623 -31.22 -12.20 -34.13
C TYR A 623 -30.85 -12.26 -35.62
N GLY A 624 -31.65 -11.60 -36.45
CA GLY A 624 -31.38 -11.56 -37.88
C GLY A 624 -31.27 -12.85 -38.66
N TRP A 625 -31.10 -13.99 -38.00
CA TRP A 625 -30.99 -15.25 -38.72
C TRP A 625 -32.09 -15.37 -39.75
N ASP A 626 -31.75 -15.88 -40.93
CA ASP A 626 -32.74 -16.09 -41.95
C ASP A 626 -33.66 -17.11 -41.29
N VAL A 627 -34.96 -16.93 -41.47
CA VAL A 627 -35.97 -17.80 -40.86
C VAL A 627 -35.88 -19.27 -41.28
N THR A 628 -35.42 -19.52 -42.50
CA THR A 628 -35.31 -20.90 -42.96
C THR A 628 -34.19 -21.63 -42.22
N ASP A 629 -33.10 -20.91 -41.92
CA ASP A 629 -31.93 -21.45 -41.22
C ASP A 629 -32.34 -22.15 -39.96
N ALA A 630 -32.97 -21.42 -39.07
CA ALA A 630 -33.42 -21.96 -37.79
C ALA A 630 -33.70 -23.46 -37.83
N ARG A 631 -34.57 -23.90 -38.73
CA ARG A 631 -34.93 -25.32 -38.81
C ARG A 631 -34.02 -26.26 -39.55
N LYS A 632 -32.77 -25.87 -39.78
CA LYS A 632 -31.86 -26.76 -40.47
C LYS A 632 -30.52 -26.89 -39.78
N ILE A 633 -30.51 -26.59 -38.50
CA ILE A 633 -29.32 -26.72 -37.69
C ILE A 633 -29.47 -28.20 -37.29
N TRP A 634 -28.37 -28.93 -37.18
CA TRP A 634 -28.47 -30.33 -36.78
C TRP A 634 -28.07 -30.49 -35.34
N CYS A 635 -27.23 -29.56 -34.88
CA CYS A 635 -26.73 -29.62 -33.51
C CYS A 635 -25.86 -28.43 -33.14
N PHE A 636 -25.82 -28.14 -31.84
CA PHE A 636 -25.01 -27.07 -31.25
C PHE A 636 -23.89 -27.83 -30.58
N GLY A 637 -22.72 -27.24 -30.43
CA GLY A 637 -21.63 -27.97 -29.81
C GLY A 637 -20.48 -27.11 -29.35
N PRO A 638 -19.56 -27.67 -28.55
CA PRO A 638 -19.56 -29.04 -28.08
C PRO A 638 -20.61 -29.29 -27.03
N ASP A 639 -20.58 -30.50 -26.48
CA ASP A 639 -21.50 -30.95 -25.44
C ASP A 639 -22.97 -30.72 -25.75
N GLY A 640 -23.31 -30.87 -27.02
CA GLY A 640 -24.69 -30.71 -27.45
C GLY A 640 -25.37 -29.36 -27.36
N ASN A 641 -24.76 -28.39 -26.69
CA ASN A 641 -25.42 -27.11 -26.58
C ASN A 641 -24.48 -25.91 -26.63
N GLY A 642 -23.26 -26.08 -27.14
CA GLY A 642 -22.34 -24.95 -27.20
C GLY A 642 -22.61 -23.89 -28.27
N PRO A 643 -21.85 -22.79 -28.29
CA PRO A 643 -22.07 -21.76 -29.31
C PRO A 643 -21.45 -22.03 -30.68
N ASN A 644 -21.78 -23.18 -31.26
CA ASN A 644 -21.30 -23.55 -32.60
C ASN A 644 -22.41 -24.33 -33.28
N LEU A 645 -22.71 -24.00 -34.53
CA LEU A 645 -23.78 -24.65 -35.27
C LEU A 645 -23.35 -25.36 -36.53
N VAL A 646 -24.12 -26.40 -36.87
CA VAL A 646 -23.94 -27.17 -38.09
C VAL A 646 -25.26 -27.02 -38.84
N ILE A 647 -25.33 -26.12 -39.81
CA ILE A 647 -26.55 -25.94 -40.58
C ILE A 647 -26.49 -26.73 -41.86
N ASP A 648 -27.54 -27.52 -42.12
CA ASP A 648 -27.62 -28.36 -43.30
C ASP A 648 -28.11 -27.55 -44.51
N GLN A 649 -27.25 -27.39 -45.49
CA GLN A 649 -27.59 -26.67 -46.72
C GLN A 649 -27.41 -27.56 -47.97
N THR A 650 -27.59 -28.90 -47.81
CA THR A 650 -27.46 -29.85 -48.93
C THR A 650 -28.78 -29.92 -49.71
N LYS A 651 -28.77 -30.49 -50.91
CA LYS A 651 -29.99 -30.55 -51.71
C LYS A 651 -30.56 -31.90 -52.10
N ALA A 652 -29.75 -32.74 -52.75
CA ALA A 652 -30.26 -34.02 -53.18
C ALA A 652 -29.46 -35.22 -52.70
N VAL A 653 -29.23 -35.30 -51.39
CA VAL A 653 -28.50 -36.42 -50.83
C VAL A 653 -29.49 -37.53 -50.43
N GLN A 654 -29.47 -38.64 -51.17
CA GLN A 654 -30.35 -39.76 -50.92
C GLN A 654 -30.36 -40.30 -49.50
N TYR A 655 -29.19 -40.67 -48.99
CA TYR A 655 -29.11 -41.23 -47.65
C TYR A 655 -28.66 -40.22 -46.59
N LEU A 656 -28.99 -38.94 -46.81
CA LEU A 656 -28.61 -37.88 -45.89
C LEU A 656 -29.06 -38.20 -44.49
N HIS A 657 -30.38 -38.24 -44.31
CA HIS A 657 -30.95 -38.55 -43.00
C HIS A 657 -30.28 -39.80 -42.46
N GLU A 658 -29.57 -40.50 -43.33
CA GLU A 658 -28.87 -41.74 -42.93
C GLU A 658 -27.53 -41.50 -42.24
N ILE A 659 -26.86 -40.41 -42.60
CA ILE A 659 -25.57 -40.12 -42.00
C ILE A 659 -25.64 -39.10 -40.88
N LYS A 660 -26.79 -38.46 -40.71
CA LYS A 660 -26.95 -37.46 -39.66
C LYS A 660 -26.30 -37.80 -38.32
N ASP A 661 -26.85 -38.78 -37.62
CA ASP A 661 -26.31 -39.19 -36.31
C ASP A 661 -24.78 -39.21 -36.26
N SER A 662 -24.15 -39.55 -37.38
CA SER A 662 -22.70 -39.60 -37.47
C SER A 662 -22.14 -38.20 -37.56
N VAL A 663 -22.52 -37.47 -38.61
CA VAL A 663 -22.05 -36.11 -38.78
C VAL A 663 -22.11 -35.37 -37.46
N VAL A 664 -23.13 -35.67 -36.65
CA VAL A 664 -23.27 -35.02 -35.35
C VAL A 664 -22.15 -35.40 -34.39
N ALA A 665 -21.98 -36.69 -34.11
CA ALA A 665 -20.93 -37.15 -33.19
C ALA A 665 -19.54 -36.67 -33.59
N ALA A 666 -19.35 -36.43 -34.89
CA ALA A 666 -18.09 -35.93 -35.42
C ALA A 666 -17.95 -34.46 -35.02
N PHE A 667 -19.01 -33.70 -35.18
CA PHE A 667 -19.00 -32.30 -34.84
C PHE A 667 -18.80 -32.08 -33.35
N GLN A 668 -19.43 -32.91 -32.52
CA GLN A 668 -19.31 -32.80 -31.07
C GLN A 668 -17.89 -33.07 -30.59
N TRP A 669 -17.10 -33.67 -31.47
CA TRP A 669 -15.72 -34.04 -31.20
C TRP A 669 -14.83 -32.88 -31.65
N ALA A 670 -14.99 -32.51 -32.91
CA ALA A 670 -14.21 -31.43 -33.47
C ALA A 670 -14.27 -30.19 -32.58
N THR A 671 -15.48 -29.76 -32.25
CA THR A 671 -15.64 -28.56 -31.43
C THR A 671 -15.24 -28.72 -29.99
N LYS A 672 -15.02 -29.94 -29.53
CA LYS A 672 -14.58 -30.06 -28.15
C LYS A 672 -13.08 -29.77 -28.07
N GLU A 673 -12.37 -30.22 -29.11
CA GLU A 673 -10.92 -30.04 -29.25
C GLU A 673 -10.59 -29.59 -30.69
N GLY A 674 -10.52 -28.27 -30.89
CA GLY A 674 -10.23 -27.73 -32.21
C GLY A 674 -8.88 -28.11 -32.78
N PRO A 675 -8.64 -27.81 -34.06
CA PRO A 675 -7.39 -28.09 -34.79
C PRO A 675 -6.18 -27.26 -34.39
N ILE A 676 -6.37 -26.02 -33.96
CA ILE A 676 -5.24 -25.19 -33.55
C ILE A 676 -4.42 -25.90 -32.49
N PHE A 677 -5.01 -26.13 -31.33
CA PHE A 677 -4.30 -26.91 -30.32
C PHE A 677 -5.21 -27.66 -29.38
N GLY A 678 -6.37 -28.06 -29.88
CA GLY A 678 -7.28 -28.83 -29.06
C GLY A 678 -8.20 -28.11 -28.11
N GLU A 679 -8.25 -26.79 -28.19
CA GLU A 679 -9.11 -26.01 -27.31
C GLU A 679 -10.52 -26.05 -27.89
N GLU A 680 -11.48 -25.64 -27.06
CA GLU A 680 -12.88 -25.61 -27.46
C GLU A 680 -13.12 -24.50 -28.48
N MET A 681 -13.92 -24.79 -29.48
CA MET A 681 -14.24 -23.80 -30.48
C MET A 681 -15.35 -22.91 -29.92
N ARG A 682 -15.48 -21.71 -30.49
CA ARG A 682 -16.50 -20.76 -30.08
C ARG A 682 -16.91 -19.89 -31.27
N SER A 683 -18.21 -19.64 -31.40
CA SER A 683 -18.75 -18.83 -32.48
C SER A 683 -18.46 -19.44 -33.83
N VAL A 684 -18.49 -20.76 -33.93
CA VAL A 684 -18.21 -21.38 -35.22
C VAL A 684 -19.46 -22.01 -35.86
N ARG A 685 -19.79 -21.51 -37.06
CA ARG A 685 -20.93 -22.01 -37.85
C ARG A 685 -20.46 -22.76 -39.08
N VAL A 686 -20.81 -24.04 -39.14
CA VAL A 686 -20.43 -24.90 -40.24
C VAL A 686 -21.60 -25.16 -41.14
N ASN A 687 -21.40 -24.89 -42.42
CA ASN A 687 -22.41 -25.13 -43.45
C ASN A 687 -22.00 -26.30 -44.36
N ILE A 688 -22.84 -27.34 -44.41
CA ILE A 688 -22.54 -28.48 -45.25
C ILE A 688 -23.20 -28.15 -46.58
N LEU A 689 -22.41 -27.82 -47.58
CA LEU A 689 -22.97 -27.44 -48.85
C LEU A 689 -23.56 -28.57 -49.71
N ASP A 690 -23.12 -29.80 -49.47
CA ASP A 690 -23.60 -30.96 -50.21
C ASP A 690 -22.95 -32.22 -49.63
N VAL A 691 -23.46 -33.40 -49.94
CA VAL A 691 -22.83 -34.63 -49.44
C VAL A 691 -23.05 -35.72 -50.49
N THR A 692 -22.05 -36.58 -50.71
CA THR A 692 -22.25 -37.66 -51.67
C THR A 692 -21.99 -38.99 -50.97
N LEU A 693 -22.96 -39.89 -51.03
CA LEU A 693 -22.84 -41.18 -50.37
C LEU A 693 -22.88 -42.40 -51.28
N HIS A 694 -22.49 -43.55 -50.73
CA HIS A 694 -22.48 -44.80 -51.47
C HIS A 694 -23.88 -45.42 -51.36
N ALA A 695 -24.31 -46.05 -52.45
CA ALA A 695 -25.62 -46.68 -52.53
C ALA A 695 -25.92 -47.55 -51.34
N ASP A 696 -24.97 -48.38 -50.93
CA ASP A 696 -25.16 -49.26 -49.79
C ASP A 696 -24.77 -48.65 -48.45
N ALA A 697 -25.57 -48.96 -47.45
CA ALA A 697 -25.34 -48.46 -46.09
C ALA A 697 -24.16 -49.17 -45.46
N ILE A 698 -23.70 -50.23 -46.10
CA ILE A 698 -22.59 -51.02 -45.58
C ILE A 698 -21.24 -50.30 -45.71
N HIS A 699 -21.23 -49.17 -46.42
CA HIS A 699 -20.01 -48.40 -46.61
C HIS A 699 -20.15 -46.94 -46.22
N ARG A 700 -21.22 -46.63 -45.49
CA ARG A 700 -21.45 -45.26 -45.05
C ARG A 700 -21.64 -45.34 -43.54
N GLY A 701 -21.11 -46.39 -42.95
CA GLY A 701 -21.22 -46.58 -41.52
C GLY A 701 -20.57 -45.47 -40.71
N GLY A 702 -20.46 -45.72 -39.41
CA GLY A 702 -19.87 -44.74 -38.52
C GLY A 702 -18.38 -44.56 -38.75
N GLY A 703 -17.63 -45.64 -38.65
CA GLY A 703 -16.20 -45.56 -38.86
C GLY A 703 -15.80 -45.08 -40.24
N GLN A 704 -16.77 -44.59 -41.00
CA GLN A 704 -16.50 -44.12 -42.34
C GLN A 704 -16.84 -42.68 -42.50
N ILE A 705 -17.88 -42.24 -41.79
CA ILE A 705 -18.33 -40.86 -41.88
C ILE A 705 -17.73 -39.97 -40.80
N ILE A 706 -17.76 -40.46 -39.56
CA ILE A 706 -17.23 -39.70 -38.44
C ILE A 706 -15.91 -38.99 -38.79
N PRO A 707 -14.88 -39.77 -39.21
CA PRO A 707 -13.59 -39.17 -39.57
C PRO A 707 -13.69 -38.22 -40.75
N THR A 708 -14.59 -38.50 -41.68
CA THR A 708 -14.73 -37.64 -42.84
C THR A 708 -15.16 -36.24 -42.42
N MET A 709 -16.14 -36.19 -41.51
CA MET A 709 -16.65 -34.91 -41.00
C MET A 709 -15.61 -34.25 -40.10
N ARG A 710 -15.02 -35.04 -39.21
CA ARG A 710 -14.00 -34.54 -38.30
C ARG A 710 -12.96 -33.79 -39.15
N ARG A 711 -12.39 -34.46 -40.14
CA ARG A 711 -11.40 -33.84 -41.02
C ARG A 711 -12.01 -32.68 -41.80
N ALA A 712 -13.16 -32.94 -42.41
CA ALA A 712 -13.85 -31.93 -43.19
C ALA A 712 -13.97 -30.60 -42.44
N THR A 713 -14.44 -30.66 -41.20
CA THR A 713 -14.62 -29.48 -40.38
C THR A 713 -13.32 -28.76 -40.16
N TYR A 714 -12.33 -29.50 -39.68
CA TYR A 714 -10.99 -28.96 -39.41
C TYR A 714 -10.54 -28.16 -40.63
N ALA A 715 -10.66 -28.80 -41.79
CA ALA A 715 -10.28 -28.19 -43.05
C ALA A 715 -10.98 -26.86 -43.27
N GLY A 716 -12.31 -26.85 -43.21
CA GLY A 716 -13.02 -25.60 -43.43
C GLY A 716 -12.58 -24.57 -42.41
N PHE A 717 -12.42 -25.04 -41.17
CA PHE A 717 -12.01 -24.20 -40.05
C PHE A 717 -10.72 -23.42 -40.34
N LEU A 718 -9.67 -24.14 -40.74
CA LEU A 718 -8.38 -23.53 -41.03
C LEU A 718 -8.42 -22.61 -42.26
N LEU A 719 -9.39 -22.84 -43.14
CA LEU A 719 -9.57 -22.03 -44.34
C LEU A 719 -10.27 -20.74 -44.00
N ALA A 720 -10.83 -20.68 -42.80
CA ALA A 720 -11.59 -19.52 -42.32
C ALA A 720 -10.81 -18.48 -41.50
N ASP A 721 -9.52 -18.33 -41.77
CA ASP A 721 -8.71 -17.35 -41.05
C ASP A 721 -8.79 -17.53 -39.54
N PRO A 722 -8.28 -18.66 -39.03
CA PRO A 722 -8.28 -18.99 -37.60
C PRO A 722 -7.70 -17.91 -36.70
N LYS A 723 -8.13 -17.94 -35.45
CA LYS A 723 -7.69 -17.00 -34.42
C LYS A 723 -7.92 -17.73 -33.10
N ILE A 724 -7.65 -17.07 -31.97
CA ILE A 724 -7.94 -17.67 -30.68
C ILE A 724 -8.49 -16.58 -29.79
N GLN A 725 -9.29 -16.95 -28.81
CA GLN A 725 -9.87 -15.97 -27.91
C GLN A 725 -9.28 -16.23 -26.56
N GLU A 726 -9.01 -15.14 -25.84
CA GLU A 726 -8.43 -15.23 -24.52
C GLU A 726 -9.45 -14.76 -23.49
N PRO A 727 -9.40 -15.32 -22.29
CA PRO A 727 -10.33 -14.93 -21.24
C PRO A 727 -9.93 -13.53 -20.79
N VAL A 728 -10.89 -12.80 -20.24
CA VAL A 728 -10.63 -11.46 -19.77
C VAL A 728 -11.42 -11.21 -18.49
N PHE A 729 -10.71 -10.77 -17.45
CA PHE A 729 -11.29 -10.46 -16.15
C PHE A 729 -11.93 -9.07 -16.21
N LEU A 730 -12.66 -8.73 -15.16
CA LEU A 730 -13.24 -7.41 -15.04
C LEU A 730 -12.91 -7.07 -13.60
N VAL A 731 -11.83 -6.31 -13.43
CA VAL A 731 -11.36 -5.92 -12.11
C VAL A 731 -12.05 -4.70 -11.54
N GLU A 732 -12.26 -4.71 -10.22
CA GLU A 732 -12.88 -3.58 -9.54
C GLU A 732 -11.89 -3.15 -8.46
N ILE A 733 -11.63 -1.84 -8.37
CA ILE A 733 -10.66 -1.34 -7.40
C ILE A 733 -11.20 -0.17 -6.61
N GLN A 734 -10.86 -0.14 -5.32
CA GLN A 734 -11.26 0.95 -4.43
C GLN A 734 -9.94 1.53 -3.93
N CYS A 735 -9.87 2.87 -3.87
CA CYS A 735 -8.66 3.53 -3.39
C CYS A 735 -8.76 5.05 -3.36
N PRO A 736 -7.91 5.70 -2.54
CA PRO A 736 -7.85 7.16 -2.37
C PRO A 736 -7.48 7.85 -3.65
N GLU A 737 -8.03 9.04 -3.84
CA GLU A 737 -7.80 9.88 -5.01
C GLU A 737 -6.35 9.98 -5.52
N GLN A 738 -5.39 10.06 -4.61
CA GLN A 738 -4.00 10.20 -4.99
C GLN A 738 -3.38 9.00 -5.69
N ALA A 739 -3.70 7.80 -5.21
CA ALA A 739 -3.14 6.57 -5.77
C ALA A 739 -3.88 6.02 -6.99
N VAL A 740 -4.94 6.68 -7.44
CA VAL A 740 -5.66 6.22 -8.61
C VAL A 740 -4.70 6.22 -9.79
N GLY A 741 -3.51 6.78 -9.57
CA GLY A 741 -2.52 6.84 -10.62
C GLY A 741 -1.86 5.50 -10.84
N GLY A 742 -1.57 4.80 -9.75
CA GLY A 742 -0.94 3.50 -9.85
C GLY A 742 -1.80 2.53 -10.67
N ILE A 743 -3.11 2.68 -10.55
CA ILE A 743 -4.01 1.83 -11.29
C ILE A 743 -3.52 1.90 -12.73
N TYR A 744 -3.82 3.00 -13.41
CA TYR A 744 -3.43 3.21 -14.80
C TYR A 744 -1.95 2.89 -15.03
N SER A 745 -1.13 3.14 -14.03
CA SER A 745 0.30 2.88 -14.15
C SER A 745 0.57 1.42 -14.53
N VAL A 746 0.13 0.50 -13.68
CA VAL A 746 0.31 -0.95 -13.89
C VAL A 746 -0.58 -1.49 -15.00
N LEU A 747 -1.84 -1.07 -15.00
CA LEU A 747 -2.76 -1.52 -16.01
C LEU A 747 -2.14 -1.44 -17.38
N ASN A 748 -1.46 -0.34 -17.68
CA ASN A 748 -0.88 -0.19 -19.00
C ASN A 748 0.15 -1.26 -19.34
N LYS A 749 0.92 -1.66 -18.34
CA LYS A 749 1.95 -2.67 -18.50
C LYS A 749 1.35 -4.08 -18.71
N LYS A 750 0.02 -4.17 -18.84
CA LYS A 750 -0.60 -5.48 -19.00
C LYS A 750 -1.81 -5.53 -19.95
N ARG A 751 -1.85 -4.63 -20.93
CA ARG A 751 -2.94 -4.56 -21.90
C ARG A 751 -4.27 -4.35 -21.21
N GLY A 752 -4.26 -3.51 -20.19
CA GLY A 752 -5.48 -3.24 -19.44
C GLY A 752 -6.39 -2.31 -20.21
N GLN A 753 -7.50 -1.95 -19.59
CA GLN A 753 -8.44 -1.07 -20.24
C GLN A 753 -9.42 -0.58 -19.19
N VAL A 754 -9.34 0.71 -18.88
CA VAL A 754 -10.24 1.25 -17.87
C VAL A 754 -11.63 1.42 -18.46
N VAL A 755 -12.62 0.89 -17.76
CA VAL A 755 -14.00 0.98 -18.21
C VAL A 755 -14.61 2.22 -17.60
N SER A 756 -14.86 2.20 -16.30
CA SER A 756 -15.47 3.36 -15.66
C SER A 756 -14.72 3.80 -14.39
N GLU A 757 -14.77 5.11 -14.08
CA GLU A 757 -14.17 5.65 -12.86
C GLU A 757 -15.23 6.44 -12.06
N GLU A 758 -15.98 5.76 -11.19
CA GLU A 758 -17.01 6.41 -10.39
C GLU A 758 -16.60 6.79 -8.95
N GLN A 759 -16.84 8.01 -8.46
CA GLN A 759 -16.47 8.27 -7.05
C GLN A 759 -17.65 8.08 -6.12
N ARG A 760 -17.39 7.35 -5.04
CA ARG A 760 -18.41 7.05 -4.03
C ARG A 760 -18.68 8.40 -3.34
N PRO A 761 -19.95 8.87 -3.35
CA PRO A 761 -20.20 10.16 -2.71
C PRO A 761 -19.95 10.01 -1.22
N GLY A 762 -19.64 11.13 -0.58
CA GLY A 762 -19.38 11.08 0.84
C GLY A 762 -17.94 11.36 1.22
N THR A 763 -17.03 10.46 0.88
CA THR A 763 -15.63 10.67 1.23
C THR A 763 -14.73 10.09 0.14
N PRO A 764 -13.50 10.63 0.00
CA PRO A 764 -12.65 10.08 -1.07
C PRO A 764 -12.34 8.60 -0.93
N LEU A 765 -12.60 7.90 -2.05
CA LEU A 765 -12.36 6.48 -2.30
C LEU A 765 -12.96 6.18 -3.69
N PHE A 766 -12.09 6.11 -4.67
CA PHE A 766 -12.49 5.85 -6.05
C PHE A 766 -12.72 4.37 -6.28
N THR A 767 -13.57 4.08 -7.26
CA THR A 767 -13.91 2.71 -7.63
C THR A 767 -13.64 2.52 -9.12
N VAL A 768 -12.38 2.23 -9.43
CA VAL A 768 -11.93 2.00 -10.79
C VAL A 768 -12.39 0.62 -11.28
N LYS A 769 -12.76 0.55 -12.55
CA LYS A 769 -13.23 -0.69 -13.16
C LYS A 769 -12.53 -0.84 -14.49
N ALA A 770 -11.98 -2.01 -14.74
CA ALA A 770 -11.28 -2.24 -16.01
C ALA A 770 -11.22 -3.72 -16.41
N TYR A 771 -10.83 -3.96 -17.65
CA TYR A 771 -10.70 -5.30 -18.17
C TYR A 771 -9.23 -5.66 -18.01
N LEU A 772 -8.96 -6.91 -17.68
CA LEU A 772 -7.59 -7.36 -17.48
C LEU A 772 -7.39 -8.76 -18.06
N PRO A 773 -6.63 -8.87 -19.16
CA PRO A 773 -6.34 -10.14 -19.82
C PRO A 773 -5.97 -11.15 -18.75
N VAL A 774 -6.70 -12.24 -18.66
CA VAL A 774 -6.43 -13.21 -17.63
C VAL A 774 -4.97 -13.62 -17.65
N ASN A 775 -4.38 -13.80 -18.83
CA ASN A 775 -2.95 -14.20 -18.90
C ASN A 775 -1.93 -13.10 -18.67
N GLU A 776 -2.35 -11.97 -18.12
CA GLU A 776 -1.48 -10.84 -17.81
C GLU A 776 -1.71 -10.55 -16.35
N SER A 777 -2.47 -11.39 -15.69
CA SER A 777 -2.81 -11.13 -14.31
C SER A 777 -2.02 -11.81 -13.21
N PHE A 778 -0.99 -12.59 -13.56
CA PHE A 778 -0.25 -13.25 -12.49
C PHE A 778 0.77 -12.29 -11.91
N GLY A 779 0.53 -11.87 -10.67
CA GLY A 779 1.44 -10.94 -10.06
C GLY A 779 0.72 -9.62 -9.85
N PHE A 780 -0.21 -9.32 -10.73
CA PHE A 780 -0.96 -8.08 -10.63
C PHE A 780 -1.22 -7.58 -9.22
N THR A 781 -1.81 -8.41 -8.36
CA THR A 781 -2.12 -7.96 -7.00
C THR A 781 -0.92 -7.33 -6.33
N GLY A 782 0.22 -8.03 -6.32
CA GLY A 782 1.42 -7.48 -5.72
C GLY A 782 1.79 -6.16 -6.37
N GLU A 783 2.12 -6.21 -7.66
CA GLU A 783 2.48 -5.02 -8.44
C GLU A 783 1.56 -3.85 -8.22
N LEU A 784 0.34 -4.11 -7.76
CA LEU A 784 -0.62 -3.05 -7.54
C LEU A 784 -0.26 -2.39 -6.22
N ARG A 785 0.01 -3.22 -5.22
CA ARG A 785 0.36 -2.72 -3.91
C ARG A 785 1.51 -1.73 -4.04
N GLN A 786 2.51 -2.07 -4.85
CA GLN A 786 3.62 -1.14 -5.05
C GLN A 786 3.16 0.17 -5.64
N ALA A 787 2.75 0.15 -6.90
CA ALA A 787 2.30 1.35 -7.61
C ALA A 787 1.45 2.29 -6.77
N THR A 788 0.75 1.73 -5.78
CA THR A 788 -0.10 2.56 -4.95
C THR A 788 0.34 2.58 -3.49
N GLY A 789 1.53 2.09 -3.22
CA GLY A 789 2.03 2.08 -1.86
C GLY A 789 1.05 1.47 -0.85
N GLY A 790 0.47 0.32 -1.23
CA GLY A 790 -0.49 -0.38 -0.38
C GLY A 790 -1.79 0.35 -0.13
N GLN A 791 -2.32 1.00 -1.17
CA GLN A 791 -3.54 1.78 -1.01
C GLN A 791 -4.81 1.19 -1.64
N ALA A 792 -4.65 0.42 -2.72
CA ALA A 792 -5.79 -0.17 -3.40
C ALA A 792 -5.87 -1.69 -3.24
N PHE A 793 -7.09 -2.23 -3.39
CA PHE A 793 -7.37 -3.66 -3.25
C PHE A 793 -8.31 -4.16 -4.34
N PRO A 794 -7.80 -5.03 -5.24
CA PRO A 794 -8.50 -5.64 -6.38
C PRO A 794 -9.56 -6.68 -6.05
N GLN A 795 -10.33 -7.02 -7.08
CA GLN A 795 -11.39 -7.99 -6.96
C GLN A 795 -11.81 -8.38 -8.37
N MET A 796 -11.32 -9.51 -8.83
CA MET A 796 -11.58 -9.98 -10.18
C MET A 796 -12.81 -10.85 -10.40
N VAL A 797 -13.06 -11.11 -11.68
CA VAL A 797 -14.17 -11.92 -12.11
C VAL A 797 -14.07 -12.07 -13.63
N PHE A 798 -14.39 -13.26 -14.15
CA PHE A 798 -14.34 -13.49 -15.59
C PHE A 798 -15.39 -12.65 -16.27
N ASP A 799 -15.02 -12.01 -17.36
CA ASP A 799 -15.98 -11.15 -18.03
C ASP A 799 -16.32 -11.51 -19.49
N HIS A 800 -15.34 -11.90 -20.27
CA HIS A 800 -15.64 -12.22 -21.65
C HIS A 800 -14.45 -12.78 -22.39
N TRP A 801 -14.68 -13.16 -23.65
CA TRP A 801 -13.63 -13.69 -24.48
C TRP A 801 -13.28 -12.60 -25.47
N SER A 802 -12.03 -12.60 -25.90
CA SER A 802 -11.59 -11.62 -26.85
C SER A 802 -10.64 -12.26 -27.87
N THR A 803 -10.99 -12.07 -29.14
CA THR A 803 -10.17 -12.63 -30.20
C THR A 803 -8.87 -11.84 -30.33
N LEU A 804 -7.76 -12.57 -30.35
CA LEU A 804 -6.45 -11.95 -30.52
C LEU A 804 -6.34 -11.71 -32.02
N GLY A 805 -5.78 -10.57 -32.42
CA GLY A 805 -5.63 -10.28 -33.83
C GLY A 805 -4.59 -11.13 -34.53
N SER A 806 -3.45 -11.34 -33.89
CA SER A 806 -2.35 -12.13 -34.48
C SER A 806 -2.71 -13.53 -35.03
N ASP A 807 -1.87 -14.03 -35.95
CA ASP A 807 -2.05 -15.35 -36.57
C ASP A 807 -1.57 -16.50 -35.66
N PRO A 808 -2.47 -17.41 -35.28
CA PRO A 808 -2.15 -18.55 -34.42
C PRO A 808 -1.16 -19.55 -35.00
N LEU A 809 -0.93 -19.51 -36.31
CA LEU A 809 -0.01 -20.46 -36.92
C LEU A 809 1.36 -19.84 -37.20
N ASP A 810 1.59 -18.65 -36.66
CA ASP A 810 2.86 -17.99 -36.83
C ASP A 810 3.51 -17.96 -35.44
N PRO A 811 4.34 -18.99 -35.15
CA PRO A 811 5.06 -19.19 -33.89
C PRO A 811 5.57 -17.96 -33.18
N THR A 812 5.87 -16.91 -33.96
CA THR A 812 6.41 -15.69 -33.41
C THR A 812 5.39 -14.62 -33.01
N SER A 813 4.17 -14.69 -33.53
CA SER A 813 3.13 -13.71 -33.21
C SER A 813 2.68 -13.88 -31.77
N LYS A 814 2.02 -12.88 -31.21
CA LYS A 814 1.59 -13.01 -29.84
C LYS A 814 0.90 -14.35 -29.69
N ALA A 815 -0.34 -14.45 -30.16
CA ALA A 815 -1.11 -15.69 -30.10
C ALA A 815 -0.29 -16.94 -30.41
N GLY A 816 0.43 -16.91 -31.53
CA GLY A 816 1.25 -18.02 -31.95
C GLY A 816 2.26 -18.52 -30.94
N GLU A 817 2.66 -17.65 -30.00
CA GLU A 817 3.60 -18.02 -28.96
C GLU A 817 2.80 -18.78 -27.90
N ILE A 818 1.57 -18.32 -27.66
CA ILE A 818 0.63 -18.90 -26.68
C ILE A 818 0.37 -20.35 -27.03
N VAL A 819 0.11 -20.56 -28.32
CA VAL A 819 -0.17 -21.87 -28.88
C VAL A 819 1.09 -22.71 -28.78
N LEU A 820 2.16 -22.23 -29.41
CA LEU A 820 3.44 -22.95 -29.39
C LEU A 820 3.69 -23.56 -28.03
N ALA A 821 3.91 -22.72 -27.02
CA ALA A 821 4.20 -23.22 -25.70
C ALA A 821 3.21 -24.30 -25.31
N ALA A 822 1.94 -24.06 -25.58
CA ALA A 822 0.87 -25.01 -25.26
C ALA A 822 1.20 -26.40 -25.81
N ARG A 823 1.41 -26.49 -27.12
CA ARG A 823 1.73 -27.75 -27.78
C ARG A 823 2.93 -28.44 -27.17
N LYS A 824 3.94 -27.66 -26.77
CA LYS A 824 5.14 -28.22 -26.15
C LYS A 824 4.79 -28.79 -24.80
N ARG A 825 3.86 -28.12 -24.12
CA ARG A 825 3.44 -28.58 -22.81
C ARG A 825 2.68 -29.89 -22.92
N HIS A 826 2.07 -30.12 -24.07
CA HIS A 826 1.27 -31.31 -24.27
C HIS A 826 1.94 -32.45 -24.98
N GLY A 827 3.16 -32.22 -25.46
CA GLY A 827 3.85 -33.29 -26.14
C GLY A 827 3.26 -33.53 -27.51
N MET A 828 2.88 -32.43 -28.15
CA MET A 828 2.33 -32.47 -29.49
C MET A 828 3.42 -31.88 -30.39
N LYS A 829 3.22 -31.91 -31.70
CA LYS A 829 4.20 -31.32 -32.59
C LYS A 829 4.17 -29.80 -32.46
N GLU A 830 5.33 -29.18 -32.56
CA GLU A 830 5.38 -27.74 -32.44
C GLU A 830 4.73 -27.06 -33.63
N GLU A 831 4.54 -27.80 -34.72
CA GLU A 831 3.92 -27.25 -35.92
C GLU A 831 2.42 -27.49 -35.91
N VAL A 832 1.65 -26.48 -36.30
CA VAL A 832 0.20 -26.61 -36.35
C VAL A 832 -0.22 -27.03 -37.76
N PRO A 833 -0.52 -28.33 -37.94
CA PRO A 833 -0.94 -28.89 -39.22
C PRO A 833 -1.92 -28.02 -40.01
N GLY A 834 -1.42 -27.38 -41.06
CA GLY A 834 -2.27 -26.54 -41.88
C GLY A 834 -3.45 -27.35 -42.41
N TRP A 835 -4.39 -26.68 -43.04
CA TRP A 835 -5.59 -27.34 -43.55
C TRP A 835 -5.37 -28.42 -44.59
N GLN A 836 -4.36 -28.23 -45.42
CA GLN A 836 -4.06 -29.20 -46.46
C GLN A 836 -4.06 -30.61 -45.90
N GLU A 837 -3.55 -30.78 -44.68
CA GLU A 837 -3.48 -32.11 -44.05
C GLU A 837 -4.81 -32.81 -43.90
N TYR A 838 -5.90 -32.04 -43.93
CA TYR A 838 -7.23 -32.60 -43.76
C TYR A 838 -8.06 -32.64 -45.05
N TYR A 839 -7.68 -31.79 -46.00
CA TYR A 839 -8.34 -31.68 -47.30
C TYR A 839 -7.95 -32.82 -48.26
N ASP A 840 -8.93 -33.38 -48.99
CA ASP A 840 -8.68 -34.45 -49.97
C ASP A 840 -9.11 -34.01 -51.37
N LYS A 841 -8.17 -33.47 -52.15
CA LYS A 841 -8.48 -33.00 -53.50
C LYS A 841 -9.13 -34.06 -54.40
N LEU A 842 -10.04 -33.62 -55.25
CA LEU A 842 -10.76 -34.50 -56.16
C LEU A 842 -9.85 -35.50 -56.85
#